data_7RFO
#
_entry.id   7RFO
#
_cell.length_a   67.900
_cell.length_b   67.900
_cell.length_c   607.200
_cell.angle_alpha   90.000
_cell.angle_beta   90.000
_cell.angle_gamma   90.000
#
_symmetry.space_group_name_H-M   'P 41 21 2'
#
_entity_poly.entity_id   1
_entity_poly.type   'polypeptide(L)'
_entity_poly.pdbx_seq_one_letter_code
;(MSE)ANKPTQPLFP(MSE)GLETSESSNIKGFNNSGT(MSE)EHSPGAV(MSE)TFPEDTEVTGLPSSVRYNPDSDEFE
GYYENGGWLSLGGGGIRWETLPHAPSSNLLEGRGYLINNTTGTSTVVLPSPTRIGDSVTICDAYGKFATYPLTVSPSGNN
(MSE)YGSTED(MSE)AITTDNVSATFTWSGPEQGWVITSGVGLGQGRVYSREIFTQILASETSAVTLNTPPTIVDVYAD
GKRLAESKYSLDGNVITFSPSLPASTELQVIEYTPIQLGNGGGSGSSTITWVYNGGSAIGGETEITLDIVVDDVPAIDIN
GSRQYKNLGFTFDPLTSKITLAQELDAEDEVVVIINGTPHHHHHH
;
_entity_poly.pdbx_strand_id   A,B,C
#
# COMPACT_ATOMS: atom_id res chain seq x y z
N ALA A 2 -52.86 -40.08 23.54
CA ALA A 2 -53.41 -38.81 24.08
C ALA A 2 -52.44 -37.66 23.79
N ASN A 3 -52.64 -36.52 24.47
CA ASN A 3 -51.91 -35.24 24.27
C ASN A 3 -50.76 -35.14 25.29
N LYS A 4 -50.52 -36.22 26.04
CA LYS A 4 -49.60 -36.31 27.22
C LYS A 4 -48.24 -35.68 26.89
N PRO A 5 -47.50 -35.13 27.90
CA PRO A 5 -46.06 -34.90 27.76
C PRO A 5 -45.29 -36.22 27.70
N THR A 6 -44.07 -36.16 27.19
CA THR A 6 -43.21 -37.36 27.00
C THR A 6 -41.91 -37.21 27.79
N GLN A 7 -41.76 -36.02 28.37
CA GLN A 7 -40.55 -35.72 29.18
C GLN A 7 -40.94 -34.81 30.35
N PRO A 8 -40.24 -34.95 31.50
CA PRO A 8 -40.69 -34.37 32.75
C PRO A 8 -40.43 -32.87 32.80
N LEU A 9 -41.36 -32.11 33.37
CA LEU A 9 -41.43 -30.65 33.19
C LEU A 9 -41.10 -30.02 34.53
N PHE A 10 -40.19 -29.05 34.51
CA PHE A 10 -39.72 -28.29 35.69
C PHE A 10 -40.04 -26.81 35.58
N PRO A 11 -41.23 -26.36 36.02
CA PRO A 11 -41.63 -24.97 35.83
C PRO A 11 -40.72 -23.97 36.51
N MSE A 12 -40.18 -24.30 37.67
CA MSE A 12 -39.31 -23.35 38.37
C MSE A 12 -37.86 -23.45 37.94
O MSE A 12 -37.06 -22.65 38.40
CB MSE A 12 -39.37 -23.57 39.87
CG MSE A 12 -39.74 -22.33 40.64
SE MSE A 12 -40.94 -21.29 39.50
CE MSE A 12 -40.60 -19.39 39.66
N GLY A 13 -37.54 -24.41 37.05
CA GLY A 13 -36.16 -24.68 36.66
C GLY A 13 -35.51 -25.50 37.75
N LEU A 14 -34.18 -25.50 37.87
CA LEU A 14 -33.54 -26.38 38.90
C LEU A 14 -32.14 -25.90 39.27
N GLU A 15 -31.38 -26.78 39.90
CA GLU A 15 -30.02 -26.50 40.40
C GLU A 15 -29.20 -27.80 40.40
N THR A 16 -28.06 -27.81 39.73
CA THR A 16 -27.09 -28.93 39.92
C THR A 16 -25.91 -28.37 40.70
N SER A 17 -25.23 -29.25 41.43
CA SER A 17 -24.04 -28.95 42.26
C SER A 17 -22.82 -29.76 41.78
N GLU A 18 -22.76 -30.08 40.49
CA GLU A 18 -21.81 -31.11 39.96
C GLU A 18 -22.04 -31.30 38.46
N SER A 19 -21.04 -31.82 37.74
CA SER A 19 -21.13 -31.85 36.26
C SER A 19 -22.24 -32.80 35.92
N SER A 20 -23.06 -32.39 34.99
CA SER A 20 -24.18 -33.20 34.45
C SER A 20 -23.74 -33.79 33.11
N ASN A 21 -24.32 -34.94 32.72
CA ASN A 21 -23.98 -35.58 31.42
C ASN A 21 -25.21 -35.61 30.53
N ILE A 22 -25.14 -34.94 29.40
CA ILE A 22 -26.32 -34.53 28.61
C ILE A 22 -26.16 -34.97 27.15
N LYS A 23 -27.16 -35.67 26.61
CA LYS A 23 -27.32 -35.86 25.14
C LYS A 23 -28.01 -34.58 24.68
N GLY A 24 -27.25 -33.48 24.82
CA GLY A 24 -27.58 -32.11 24.35
C GLY A 24 -29.01 -31.63 24.61
N PHE A 25 -29.24 -30.38 24.22
CA PHE A 25 -30.50 -29.65 24.49
C PHE A 25 -30.83 -28.67 23.37
N ASN A 26 -31.92 -27.94 23.53
CA ASN A 26 -32.37 -26.81 22.68
C ASN A 26 -32.75 -25.67 23.62
N ASN A 27 -31.96 -24.60 23.60
CA ASN A 27 -32.11 -23.50 24.56
C ASN A 27 -33.25 -22.59 24.09
N SER A 28 -34.22 -22.31 24.94
CA SER A 28 -35.32 -21.38 24.61
C SER A 28 -35.17 -20.10 25.41
N GLY A 29 -34.08 -20.01 26.17
CA GLY A 29 -33.81 -18.93 27.15
C GLY A 29 -32.52 -18.16 26.91
N THR A 30 -31.93 -17.64 27.98
CA THR A 30 -30.63 -16.91 27.97
C THR A 30 -29.53 -17.74 28.65
N MSE A 31 -28.51 -18.12 27.88
CA MSE A 31 -27.36 -18.86 28.38
C MSE A 31 -26.33 -17.90 29.00
O MSE A 31 -25.95 -16.90 28.40
CB MSE A 31 -26.76 -19.65 27.21
CG MSE A 31 -26.06 -20.93 27.56
SE MSE A 31 -25.91 -22.00 25.93
CE MSE A 31 -27.80 -21.92 25.45
N GLU A 32 -25.89 -18.19 30.23
CA GLU A 32 -25.24 -17.20 31.07
C GLU A 32 -24.14 -17.88 31.87
N HIS A 33 -23.19 -17.13 32.37
CA HIS A 33 -22.08 -17.73 33.15
C HIS A 33 -21.84 -16.94 34.44
N SER A 34 -21.18 -17.58 35.40
CA SER A 34 -20.85 -16.97 36.71
C SER A 34 -19.34 -16.95 36.87
N PRO A 35 -18.77 -16.02 37.66
CA PRO A 35 -17.33 -15.96 37.84
C PRO A 35 -16.77 -17.35 38.10
N GLY A 36 -15.73 -17.70 37.34
CA GLY A 36 -15.02 -18.98 37.45
C GLY A 36 -15.53 -19.99 36.45
N ALA A 37 -16.65 -19.68 35.78
CA ALA A 37 -17.27 -20.56 34.75
C ALA A 37 -16.31 -20.72 33.59
N VAL A 38 -16.28 -21.91 33.00
CA VAL A 38 -15.43 -22.23 31.81
C VAL A 38 -16.28 -22.82 30.69
N MSE A 39 -16.06 -22.39 29.46
CA MSE A 39 -16.82 -22.89 28.33
C MSE A 39 -15.87 -23.35 27.24
O MSE A 39 -14.78 -22.81 27.14
CB MSE A 39 -17.69 -21.78 27.72
CG MSE A 39 -18.76 -22.33 26.81
SE MSE A 39 -19.56 -20.99 25.68
CE MSE A 39 -21.25 -20.37 26.39
N THR A 40 -16.29 -24.35 26.44
CA THR A 40 -15.44 -24.82 25.37
C THR A 40 -16.26 -25.07 24.11
N PHE A 41 -15.58 -25.49 23.04
CA PHE A 41 -16.16 -25.83 21.72
C PHE A 41 -15.93 -27.33 21.47
N PRO A 42 -16.88 -28.03 20.81
CA PRO A 42 -16.66 -29.43 20.41
C PRO A 42 -15.38 -29.58 19.64
N GLU A 43 -14.74 -30.75 19.62
CA GLU A 43 -13.64 -31.03 18.66
C GLU A 43 -14.22 -31.76 17.46
N ASP A 44 -13.87 -31.35 16.26
CA ASP A 44 -14.41 -31.98 15.03
C ASP A 44 -13.57 -31.61 13.80
N THR A 45 -13.07 -32.64 13.11
CA THR A 45 -12.31 -32.52 11.84
C THR A 45 -13.23 -32.72 10.62
N GLU A 46 -14.47 -33.12 10.84
CA GLU A 46 -15.34 -33.53 9.72
C GLU A 46 -15.51 -32.34 8.78
N VAL A 47 -15.50 -32.61 7.48
CA VAL A 47 -15.81 -31.62 6.41
C VAL A 47 -17.25 -31.18 6.53
N THR A 48 -18.11 -32.12 6.82
CA THR A 48 -19.57 -31.92 6.90
C THR A 48 -19.91 -31.08 8.11
N GLY A 49 -21.01 -30.36 8.02
CA GLY A 49 -21.45 -29.50 9.14
C GLY A 49 -22.80 -28.86 8.89
N LEU A 50 -23.25 -28.09 9.87
CA LEU A 50 -24.53 -27.38 9.82
C LEU A 50 -24.24 -25.90 10.02
N PRO A 51 -24.62 -25.02 9.08
CA PRO A 51 -24.62 -23.58 9.36
C PRO A 51 -24.98 -23.28 10.81
N SER A 52 -24.27 -22.35 11.47
CA SER A 52 -24.42 -21.99 12.92
C SER A 52 -23.64 -22.95 13.82
N SER A 53 -23.20 -24.09 13.30
CA SER A 53 -22.28 -25.02 14.00
C SER A 53 -20.96 -24.30 14.27
N VAL A 54 -20.38 -24.50 15.44
CA VAL A 54 -19.00 -23.98 15.69
C VAL A 54 -18.17 -25.07 16.36
N ARG A 55 -16.85 -24.94 16.30
CA ARG A 55 -15.94 -26.01 16.76
C ARG A 55 -14.52 -25.51 17.03
N TYR A 56 -13.73 -26.38 17.62
CA TYR A 56 -12.27 -26.23 17.76
C TYR A 56 -11.67 -27.33 16.89
N ASN A 57 -10.84 -26.97 15.90
CA ASN A 57 -10.19 -28.01 15.08
C ASN A 57 -8.87 -28.44 15.69
N PRO A 58 -8.74 -29.67 16.19
CA PRO A 58 -7.51 -30.11 16.84
C PRO A 58 -6.28 -30.08 15.93
N ASP A 59 -6.43 -30.49 14.67
CA ASP A 59 -5.29 -30.51 13.71
C ASP A 59 -5.03 -29.08 13.22
N SER A 60 -6.11 -28.35 12.94
CA SER A 60 -6.08 -26.93 12.49
C SER A 60 -5.50 -26.06 13.61
N ASP A 61 -5.81 -26.40 14.84
CA ASP A 61 -5.46 -25.60 16.03
C ASP A 61 -6.04 -24.22 15.77
N GLU A 62 -7.33 -24.24 15.45
CA GLU A 62 -8.08 -23.03 15.03
C GLU A 62 -9.57 -23.24 15.30
N PHE A 63 -10.16 -22.41 16.14
CA PHE A 63 -11.62 -22.30 16.31
C PHE A 63 -12.16 -21.99 14.93
N GLU A 64 -13.15 -22.77 14.46
CA GLU A 64 -13.79 -22.58 13.13
C GLU A 64 -15.28 -22.41 13.39
N GLY A 65 -16.03 -21.83 12.45
CA GLY A 65 -17.50 -21.94 12.34
C GLY A 65 -17.99 -22.43 10.97
N TYR A 66 -19.11 -23.17 10.93
CA TYR A 66 -19.60 -23.71 9.64
C TYR A 66 -20.37 -22.60 8.95
N TYR A 67 -19.72 -21.99 7.98
CA TYR A 67 -20.32 -20.93 7.16
C TYR A 67 -21.22 -21.62 6.14
N GLU A 68 -22.33 -21.00 5.79
CA GLU A 68 -23.26 -21.49 4.75
C GLU A 68 -22.52 -21.73 3.43
N ASN A 69 -21.72 -20.74 3.00
CA ASN A 69 -21.04 -20.83 1.68
C ASN A 69 -19.70 -21.53 1.86
N GLY A 70 -18.84 -20.95 2.67
CA GLY A 70 -17.47 -21.49 2.81
C GLY A 70 -17.43 -22.89 3.42
N GLY A 71 -18.25 -23.15 4.43
CA GLY A 71 -18.20 -24.42 5.17
C GLY A 71 -17.46 -24.23 6.48
N TRP A 72 -16.58 -25.15 6.89
CA TRP A 72 -15.86 -25.01 8.18
C TRP A 72 -14.68 -24.06 7.99
N LEU A 73 -14.89 -22.76 8.24
CA LEU A 73 -13.83 -21.73 8.11
C LEU A 73 -13.69 -20.99 9.45
N SER A 74 -12.53 -20.37 9.66
CA SER A 74 -12.21 -19.61 10.89
C SER A 74 -13.18 -18.45 11.05
N LEU A 75 -13.60 -18.20 12.30
CA LEU A 75 -14.53 -17.10 12.71
C LEU A 75 -13.80 -15.74 12.77
N GLY A 76 -14.20 -14.78 11.93
CA GLY A 76 -13.52 -13.47 11.77
C GLY A 76 -12.55 -13.43 10.60
N GLY A 77 -12.50 -14.53 9.85
CA GLY A 77 -11.68 -14.68 8.63
C GLY A 77 -10.26 -14.14 8.83
N GLY A 78 -9.99 -12.99 8.21
CA GLY A 78 -8.67 -12.30 8.21
C GLY A 78 -8.02 -12.30 9.58
N GLY A 79 -7.33 -13.39 9.92
CA GLY A 79 -6.63 -13.60 11.21
C GLY A 79 -5.12 -13.70 11.09
N ILE A 80 -4.41 -12.55 11.12
CA ILE A 80 -2.93 -12.48 10.93
C ILE A 80 -2.25 -12.63 12.29
N ARG A 81 -1.92 -13.87 12.58
CA ARG A 81 -1.11 -14.02 13.79
C ARG A 81 0.30 -13.65 13.29
N TRP A 82 0.89 -12.62 13.92
CA TRP A 82 2.34 -12.28 13.79
C TRP A 82 3.25 -13.27 14.56
N GLU A 83 4.56 -13.03 14.55
CA GLU A 83 5.61 -13.77 15.31
C GLU A 83 6.93 -13.54 14.60
N THR A 84 8.02 -13.32 15.34
CA THR A 84 9.31 -12.83 14.76
C THR A 84 10.13 -14.05 14.38
N LEU A 85 10.27 -14.29 13.07
CA LEU A 85 11.05 -15.44 12.53
C LEU A 85 12.52 -15.22 12.87
N PRO A 86 13.14 -15.98 13.79
CA PRO A 86 14.57 -15.85 13.95
C PRO A 86 15.22 -16.28 12.63
N HIS A 87 16.15 -15.43 12.20
CA HIS A 87 16.88 -15.47 10.90
C HIS A 87 17.53 -16.84 10.72
N ALA A 88 17.65 -17.27 9.46
CA ALA A 88 18.22 -18.57 9.02
C ALA A 88 18.32 -18.59 7.49
N PRO A 89 19.17 -19.46 6.90
CA PRO A 89 19.32 -19.51 5.45
C PRO A 89 17.95 -19.74 4.79
N SER A 90 17.25 -20.78 5.20
CA SER A 90 15.85 -21.04 4.77
C SER A 90 14.98 -21.38 5.96
N SER A 91 13.69 -21.12 5.79
CA SER A 91 12.64 -21.25 6.83
C SER A 91 11.34 -21.65 6.14
N ASN A 92 10.69 -22.73 6.56
CA ASN A 92 9.33 -22.99 6.03
C ASN A 92 8.42 -22.02 6.81
N LEU A 93 7.52 -21.34 6.10
CA LEU A 93 6.49 -20.44 6.69
C LEU A 93 5.15 -21.19 6.76
N LEU A 94 4.17 -20.65 7.51
CA LEU A 94 2.84 -21.31 7.74
C LEU A 94 1.66 -20.43 7.38
N GLU A 95 0.66 -21.00 6.71
CA GLU A 95 -0.63 -20.31 6.38
C GLU A 95 -1.14 -19.62 7.65
N GLY A 96 -1.52 -18.35 7.53
CA GLY A 96 -2.20 -17.59 8.61
C GLY A 96 -1.22 -16.65 9.28
N ARG A 97 0.05 -17.04 9.26
CA ARG A 97 1.07 -16.37 10.11
C ARG A 97 1.70 -15.21 9.34
N GLY A 98 1.93 -14.09 10.04
CA GLY A 98 2.79 -12.98 9.60
C GLY A 98 4.17 -13.11 10.22
N TYR A 99 5.23 -13.05 9.41
CA TYR A 99 6.63 -13.17 9.86
C TYR A 99 7.37 -11.81 9.81
N LEU A 100 7.86 -11.35 10.96
CA LEU A 100 8.81 -10.19 11.02
C LEU A 100 10.21 -10.69 10.68
N ILE A 101 10.87 -10.12 9.65
CA ILE A 101 12.11 -10.74 9.10
C ILE A 101 13.30 -9.85 9.43
N ASN A 102 14.37 -10.43 9.97
CA ASN A 102 15.60 -9.66 10.32
C ASN A 102 16.76 -10.14 9.43
N ASN A 103 16.94 -9.48 8.29
CA ASN A 103 18.07 -9.74 7.38
C ASN A 103 19.22 -8.79 7.76
N THR A 104 19.29 -8.41 9.04
CA THR A 104 20.26 -7.42 9.54
C THR A 104 21.67 -7.93 9.26
N THR A 105 21.89 -9.24 9.35
CA THR A 105 23.21 -9.87 9.09
C THR A 105 23.31 -10.07 7.58
N GLY A 106 23.21 -11.30 7.11
CA GLY A 106 23.18 -11.56 5.67
C GLY A 106 21.74 -11.57 5.17
N THR A 107 21.51 -12.28 4.07
CA THR A 107 20.17 -12.48 3.50
C THR A 107 19.52 -13.66 4.22
N SER A 108 18.28 -13.95 3.84
CA SER A 108 17.55 -15.17 4.23
C SER A 108 16.53 -15.54 3.14
N THR A 109 16.10 -16.79 3.18
CA THR A 109 15.19 -17.40 2.21
C THR A 109 14.05 -18.12 2.95
N VAL A 110 12.83 -17.85 2.51
CA VAL A 110 11.58 -18.33 3.16
C VAL A 110 10.77 -19.14 2.14
N VAL A 111 10.26 -20.30 2.58
CA VAL A 111 9.61 -21.31 1.70
C VAL A 111 8.12 -21.29 2.00
N LEU A 112 7.42 -20.38 1.35
CA LEU A 112 5.95 -20.40 1.23
C LEU A 112 5.42 -21.82 1.40
N PRO A 113 4.29 -22.00 2.13
CA PRO A 113 3.77 -23.33 2.44
C PRO A 113 3.02 -23.97 1.29
N SER A 114 2.87 -25.29 1.33
CA SER A 114 1.97 -26.06 0.43
C SER A 114 0.53 -25.56 0.63
N PRO A 115 -0.14 -25.07 -0.43
CA PRO A 115 -1.51 -24.54 -0.33
C PRO A 115 -2.60 -25.59 -0.11
N THR A 116 -3.80 -25.12 0.24
CA THR A 116 -4.93 -25.99 0.65
C THR A 116 -6.24 -25.49 0.05
N ARG A 117 -6.57 -24.25 0.36
CA ARG A 117 -7.77 -23.67 -0.28
C ARG A 117 -7.33 -22.37 -0.95
N ILE A 118 -8.24 -21.78 -1.71
CA ILE A 118 -8.01 -20.44 -2.31
C ILE A 118 -8.07 -19.47 -1.14
N GLY A 119 -7.23 -18.45 -1.11
CA GLY A 119 -7.22 -17.49 0.01
C GLY A 119 -6.22 -17.88 1.10
N ASP A 120 -5.49 -18.98 0.93
CA ASP A 120 -4.44 -19.34 1.93
C ASP A 120 -3.46 -18.19 1.87
N SER A 121 -3.00 -17.65 3.01
CA SER A 121 -2.10 -16.46 2.93
C SER A 121 -1.04 -16.47 4.03
N VAL A 122 0.11 -15.90 3.70
CA VAL A 122 1.27 -15.68 4.58
C VAL A 122 1.71 -14.23 4.39
N THR A 123 2.13 -13.56 5.45
CA THR A 123 2.59 -12.17 5.33
C THR A 123 4.06 -12.15 5.77
N ILE A 124 4.91 -11.50 5.01
CA ILE A 124 6.34 -11.32 5.37
C ILE A 124 6.58 -9.83 5.52
N CYS A 125 7.54 -9.46 6.37
CA CYS A 125 7.79 -8.04 6.64
C CYS A 125 9.20 -7.74 7.14
N ASP A 126 9.81 -6.78 6.45
CA ASP A 126 11.23 -6.35 6.60
C ASP A 126 11.28 -5.25 7.65
N ALA A 127 11.28 -5.65 8.93
CA ALA A 127 11.05 -4.74 10.06
C ALA A 127 12.36 -4.04 10.39
N TYR A 128 13.48 -4.48 9.83
CA TYR A 128 14.77 -3.78 10.06
C TYR A 128 15.32 -3.15 8.77
N GLY A 129 14.58 -3.15 7.66
CA GLY A 129 14.98 -2.42 6.43
C GLY A 129 16.34 -2.83 5.91
N LYS A 130 16.58 -4.13 5.73
CA LYS A 130 17.90 -4.67 5.28
C LYS A 130 17.72 -5.44 3.98
N PHE A 131 16.55 -5.32 3.37
CA PHE A 131 16.19 -6.11 2.16
C PHE A 131 17.00 -5.49 1.03
N ALA A 132 17.05 -4.17 1.07
CA ALA A 132 17.80 -3.35 0.09
C ALA A 132 19.28 -3.73 0.08
N THR A 133 19.83 -4.22 1.18
CA THR A 133 21.26 -4.58 1.27
C THR A 133 21.34 -6.12 1.26
N TYR A 134 20.54 -6.83 2.08
CA TYR A 134 20.49 -8.32 2.06
C TYR A 134 19.07 -8.79 1.79
N PRO A 135 18.67 -8.90 0.51
CA PRO A 135 17.28 -9.09 0.15
C PRO A 135 16.73 -10.47 0.51
N LEU A 136 15.39 -10.58 0.51
CA LEU A 136 14.65 -11.83 0.81
C LEU A 136 14.22 -12.46 -0.50
N THR A 137 14.34 -13.77 -0.63
CA THR A 137 13.88 -14.53 -1.82
C THR A 137 12.72 -15.42 -1.38
N VAL A 138 11.54 -15.24 -2.00
CA VAL A 138 10.33 -16.03 -1.62
C VAL A 138 10.28 -17.29 -2.49
N SER A 139 10.33 -18.47 -1.88
CA SER A 139 10.28 -19.72 -2.67
C SER A 139 8.88 -20.33 -2.54
N PRO A 140 8.20 -20.63 -3.66
CA PRO A 140 6.88 -21.23 -3.65
C PRO A 140 7.03 -22.71 -3.98
N SER A 141 8.14 -23.31 -3.55
CA SER A 141 8.44 -24.74 -3.80
C SER A 141 8.24 -25.00 -5.29
N GLY A 142 7.34 -25.91 -5.62
CA GLY A 142 7.01 -26.20 -7.01
C GLY A 142 5.57 -25.82 -7.24
N ASN A 143 5.12 -24.79 -6.51
CA ASN A 143 3.68 -24.42 -6.59
C ASN A 143 3.36 -23.38 -7.66
N ASN A 144 4.36 -22.59 -8.10
CA ASN A 144 4.22 -21.53 -9.16
C ASN A 144 3.53 -20.30 -8.56
N MSE A 145 4.31 -19.19 -8.55
CA MSE A 145 3.92 -17.94 -7.90
C MSE A 145 3.06 -17.11 -8.83
O MSE A 145 1.85 -17.33 -8.86
CB MSE A 145 5.12 -17.10 -7.43
CG MSE A 145 4.74 -15.96 -6.50
SE MSE A 145 5.98 -15.69 -4.98
CE MSE A 145 7.48 -16.92 -5.26
N TYR A 146 3.68 -16.16 -9.56
CA TYR A 146 2.93 -15.21 -10.34
C TYR A 146 2.78 -15.76 -11.76
N GLY A 147 2.60 -17.07 -11.91
CA GLY A 147 2.47 -17.73 -13.22
C GLY A 147 3.59 -18.72 -13.46
N SER A 148 4.65 -18.62 -12.64
CA SER A 148 5.84 -19.49 -12.77
C SER A 148 6.23 -20.06 -11.41
N THR A 149 6.97 -21.16 -11.44
CA THR A 149 7.44 -21.97 -10.28
C THR A 149 8.72 -21.38 -9.71
N GLU A 150 9.18 -20.31 -10.31
CA GLU A 150 10.51 -19.74 -9.97
C GLU A 150 10.41 -18.94 -8.67
N ASP A 151 11.46 -19.00 -7.86
CA ASP A 151 11.68 -18.09 -6.69
C ASP A 151 11.74 -16.63 -7.15
N MSE A 152 11.20 -15.70 -6.33
CA MSE A 152 11.42 -14.28 -6.54
C MSE A 152 12.06 -13.70 -5.29
O MSE A 152 12.09 -14.38 -4.28
CB MSE A 152 10.15 -13.51 -6.93
CG MSE A 152 9.31 -12.95 -5.78
SE MSE A 152 8.00 -11.60 -6.39
CE MSE A 152 8.21 -11.83 -8.31
N ALA A 153 12.56 -12.46 -5.41
CA ALA A 153 13.41 -11.84 -4.41
C ALA A 153 13.00 -10.39 -4.24
N ILE A 154 12.87 -9.98 -2.99
CA ILE A 154 12.46 -8.60 -2.61
C ILE A 154 13.72 -7.82 -2.26
N THR A 155 13.92 -6.68 -2.91
CA THR A 155 15.10 -5.78 -2.72
C THR A 155 14.66 -4.45 -2.12
N THR A 156 13.35 -4.22 -2.06
CA THR A 156 12.74 -3.00 -1.51
C THR A 156 13.10 -2.94 -0.03
N ASP A 157 13.41 -1.77 0.52
CA ASP A 157 13.93 -1.68 1.91
C ASP A 157 12.82 -1.91 2.95
N ASN A 158 11.94 -0.96 3.23
CA ASN A 158 11.03 -1.18 4.38
C ASN A 158 9.77 -1.99 3.96
N VAL A 159 9.96 -3.08 3.21
CA VAL A 159 8.85 -3.67 2.38
C VAL A 159 8.00 -4.58 3.24
N SER A 160 6.68 -4.58 2.98
CA SER A 160 5.74 -5.59 3.54
C SER A 160 4.89 -6.12 2.40
N ALA A 161 4.61 -7.43 2.44
CA ALA A 161 3.79 -8.16 1.45
C ALA A 161 2.96 -9.28 2.07
N THR A 162 1.70 -9.39 1.66
CA THR A 162 0.90 -10.61 1.90
C THR A 162 0.65 -11.37 0.59
N PHE A 163 1.01 -12.66 0.62
CA PHE A 163 0.78 -13.63 -0.47
C PHE A 163 -0.50 -14.42 -0.19
N THR A 164 -1.21 -14.75 -1.25
CA THR A 164 -2.61 -15.26 -1.18
C THR A 164 -2.89 -16.14 -2.39
N TRP A 165 -3.04 -17.43 -2.11
CA TRP A 165 -3.17 -18.46 -3.17
C TRP A 165 -4.50 -18.21 -3.91
N SER A 166 -4.46 -18.27 -5.25
CA SER A 166 -5.63 -18.03 -6.12
C SER A 166 -5.88 -19.26 -7.00
N GLY A 167 -5.34 -20.41 -6.61
CA GLY A 167 -5.45 -21.64 -7.41
C GLY A 167 -4.21 -21.81 -8.26
N PRO A 168 -3.95 -23.01 -8.78
CA PRO A 168 -2.68 -23.29 -9.44
C PRO A 168 -2.33 -22.53 -10.72
N GLU A 169 -3.30 -22.14 -11.54
CA GLU A 169 -3.05 -21.52 -12.87
C GLU A 169 -2.17 -20.29 -12.67
N GLN A 170 -2.55 -19.39 -11.76
CA GLN A 170 -1.76 -18.17 -11.49
C GLN A 170 -0.83 -18.54 -10.35
N GLY A 171 -1.42 -18.86 -9.22
CA GLY A 171 -0.71 -19.41 -8.05
C GLY A 171 -0.67 -18.41 -6.91
N TRP A 172 0.47 -18.32 -6.27
CA TRP A 172 0.66 -17.35 -5.16
C TRP A 172 0.62 -15.94 -5.76
N VAL A 173 -0.24 -15.02 -5.29
CA VAL A 173 -0.16 -13.59 -5.73
C VAL A 173 -0.39 -12.65 -4.55
N ILE A 174 0.02 -11.40 -4.70
CA ILE A 174 0.14 -10.47 -3.54
C ILE A 174 -1.04 -9.49 -3.51
N THR A 175 -1.66 -9.30 -2.34
CA THR A 175 -3.03 -8.72 -2.19
C THR A 175 -3.05 -7.57 -1.19
N SER A 176 -1.91 -7.34 -0.53
CA SER A 176 -1.68 -6.22 0.43
C SER A 176 -0.18 -6.03 0.64
N GLY A 177 0.28 -4.79 0.90
CA GLY A 177 1.71 -4.60 1.24
C GLY A 177 2.13 -3.15 1.41
N VAL A 178 3.45 -2.88 1.53
CA VAL A 178 4.00 -1.50 1.39
C VAL A 178 5.35 -1.49 0.71
N GLY A 179 5.51 -0.58 -0.26
CA GLY A 179 6.74 -0.42 -1.03
C GLY A 179 7.08 -1.70 -1.74
N LEU A 180 6.08 -2.56 -1.95
CA LEU A 180 6.28 -3.70 -2.88
C LEU A 180 6.57 -3.00 -4.21
N GLY A 181 7.84 -2.81 -4.62
CA GLY A 181 8.18 -2.08 -5.84
C GLY A 181 8.34 -3.00 -7.04
N GLN A 182 9.53 -3.58 -7.17
CA GLN A 182 9.83 -4.48 -8.31
C GLN A 182 10.43 -5.78 -7.81
N GLY A 183 9.73 -6.89 -7.99
CA GLY A 183 10.29 -8.19 -7.56
C GLY A 183 11.43 -8.60 -8.48
N ARG A 184 12.48 -9.26 -8.01
CA ARG A 184 13.56 -9.67 -8.94
C ARG A 184 13.59 -11.18 -9.02
N VAL A 185 13.51 -11.72 -10.24
CA VAL A 185 13.62 -13.17 -10.52
C VAL A 185 15.02 -13.44 -11.06
N TYR A 186 15.93 -13.92 -10.21
CA TYR A 186 17.35 -14.12 -10.62
C TYR A 186 17.41 -15.20 -11.69
N SER A 187 18.30 -15.00 -12.65
CA SER A 187 18.56 -15.95 -13.76
C SER A 187 20.00 -16.48 -13.59
N ARG A 188 20.73 -16.66 -14.68
CA ARG A 188 22.15 -17.14 -14.66
C ARG A 188 23.02 -16.11 -13.92
N GLU A 189 24.01 -16.60 -13.19
CA GLU A 189 25.02 -15.80 -12.44
C GLU A 189 26.12 -15.37 -13.42
N ILE A 190 25.98 -14.17 -13.99
CA ILE A 190 26.86 -13.68 -15.09
C ILE A 190 28.32 -13.64 -14.60
N PHE A 191 28.62 -13.15 -13.40
CA PHE A 191 30.04 -13.04 -12.95
C PHE A 191 30.23 -13.60 -11.55
N THR A 192 31.19 -14.50 -11.39
CA THR A 192 31.54 -15.05 -10.07
C THR A 192 33.06 -15.02 -9.94
N GLN A 193 33.59 -14.18 -9.05
CA GLN A 193 35.07 -14.12 -8.84
C GLN A 193 35.42 -13.44 -7.52
N ILE A 194 36.64 -13.68 -7.06
CA ILE A 194 37.19 -13.03 -5.82
C ILE A 194 38.10 -11.89 -6.24
N LEU A 195 37.88 -10.68 -5.73
CA LEU A 195 38.70 -9.52 -6.16
C LEU A 195 40.16 -9.85 -5.83
N ALA A 196 41.04 -9.79 -6.82
CA ALA A 196 42.52 -9.93 -6.68
C ALA A 196 43.07 -8.80 -5.80
N SER A 197 42.61 -7.60 -6.11
CA SER A 197 43.05 -6.36 -5.44
C SER A 197 41.94 -5.34 -5.60
N GLU A 198 42.09 -4.18 -4.94
CA GLU A 198 41.12 -3.07 -5.09
C GLU A 198 41.04 -2.76 -6.59
N THR A 199 39.85 -2.76 -7.22
CA THR A 199 39.74 -2.41 -8.67
C THR A 199 38.58 -1.44 -8.94
N SER A 200 38.91 -0.34 -9.63
CA SER A 200 37.99 0.77 -10.02
C SER A 200 36.84 0.24 -10.85
N ALA A 201 37.10 -0.65 -11.81
CA ALA A 201 36.09 -1.15 -12.77
C ALA A 201 36.36 -2.62 -13.14
N VAL A 202 35.36 -3.31 -13.70
CA VAL A 202 35.47 -4.74 -14.12
C VAL A 202 34.73 -4.96 -15.44
N THR A 203 35.37 -5.67 -16.39
CA THR A 203 34.82 -6.01 -17.73
C THR A 203 33.99 -7.31 -17.61
N LEU A 204 32.72 -7.26 -18.03
CA LEU A 204 31.81 -8.43 -17.92
C LEU A 204 32.25 -9.47 -18.97
N ASN A 205 31.94 -10.75 -18.72
CA ASN A 205 32.20 -11.84 -19.70
C ASN A 205 31.26 -11.64 -20.89
N THR A 206 30.01 -11.21 -20.64
CA THR A 206 28.97 -10.93 -21.67
C THR A 206 28.22 -9.66 -21.28
N PRO A 207 27.77 -8.82 -22.26
CA PRO A 207 27.03 -7.60 -21.94
C PRO A 207 25.72 -7.97 -21.24
N PRO A 208 25.35 -7.25 -20.16
CA PRO A 208 24.12 -7.53 -19.42
C PRO A 208 23.01 -6.52 -19.67
N THR A 209 21.84 -7.01 -20.07
CA THR A 209 20.64 -6.17 -20.32
C THR A 209 20.31 -5.45 -19.00
N ILE A 210 20.17 -6.25 -17.94
CA ILE A 210 19.82 -5.75 -16.57
C ILE A 210 20.34 -6.76 -15.55
N VAL A 211 20.82 -6.29 -14.40
CA VAL A 211 21.50 -7.17 -13.40
C VAL A 211 21.45 -6.55 -12.01
N ASP A 212 21.87 -7.36 -11.04
CA ASP A 212 22.07 -6.94 -9.63
C ASP A 212 23.51 -7.31 -9.29
N VAL A 213 24.15 -6.54 -8.43
CA VAL A 213 25.57 -6.80 -8.05
C VAL A 213 25.67 -7.04 -6.55
N TYR A 214 26.34 -8.10 -6.13
CA TYR A 214 26.55 -8.42 -4.69
C TYR A 214 28.05 -8.43 -4.38
N ALA A 215 28.46 -7.75 -3.32
CA ALA A 215 29.86 -7.70 -2.88
C ALA A 215 29.98 -8.16 -1.42
N ASP A 216 30.78 -9.20 -1.16
CA ASP A 216 31.01 -9.73 0.23
C ASP A 216 29.64 -9.92 0.90
N GLY A 217 28.72 -10.60 0.21
CA GLY A 217 27.38 -10.92 0.75
C GLY A 217 26.38 -9.80 0.52
N LYS A 218 26.75 -8.56 0.86
CA LYS A 218 25.86 -7.37 0.67
C LYS A 218 25.61 -7.14 -0.83
N ARG A 219 24.43 -6.65 -1.18
CA ARG A 219 24.05 -6.29 -2.56
C ARG A 219 24.45 -4.83 -2.77
N LEU A 220 25.32 -4.54 -3.75
CA LEU A 220 25.74 -3.13 -4.01
C LEU A 220 24.49 -2.36 -4.47
N ALA A 221 24.36 -1.15 -3.97
CA ALA A 221 23.21 -0.28 -4.31
C ALA A 221 23.28 0.02 -5.82
N GLU A 222 22.12 0.22 -6.44
CA GLU A 222 21.97 0.48 -7.90
C GLU A 222 22.88 1.65 -8.29
N SER A 223 22.83 2.74 -7.53
CA SER A 223 23.60 3.98 -7.83
C SER A 223 25.10 3.67 -7.79
N LYS A 224 25.55 2.85 -6.83
CA LYS A 224 26.99 2.61 -6.52
C LYS A 224 27.72 2.00 -7.73
N TYR A 225 27.07 1.16 -8.53
CA TYR A 225 27.74 0.59 -9.73
C TYR A 225 27.26 1.29 -10.99
N SER A 226 28.19 1.58 -11.89
CA SER A 226 27.93 2.23 -13.20
C SER A 226 28.20 1.18 -14.28
N LEU A 227 27.26 1.03 -15.21
CA LEU A 227 27.33 0.00 -16.28
C LEU A 227 27.30 0.69 -17.64
N ASP A 228 28.32 0.48 -18.49
CA ASP A 228 28.34 1.01 -19.88
C ASP A 228 28.63 -0.14 -20.85
N GLY A 229 27.65 -0.53 -21.66
CA GLY A 229 27.79 -1.68 -22.55
C GLY A 229 28.21 -2.90 -21.74
N ASN A 230 29.38 -3.47 -22.04
CA ASN A 230 29.91 -4.68 -21.36
C ASN A 230 30.86 -4.27 -20.23
N VAL A 231 31.05 -2.96 -20.00
CA VAL A 231 32.05 -2.49 -18.99
C VAL A 231 31.30 -1.95 -17.79
N ILE A 232 31.64 -2.41 -16.58
CA ILE A 232 31.03 -1.93 -15.30
C ILE A 232 32.08 -1.20 -14.48
N THR A 233 31.75 -0.01 -13.98
CA THR A 233 32.67 0.84 -13.17
C THR A 233 32.12 0.98 -11.76
N PHE A 234 32.99 1.10 -10.76
CA PHE A 234 32.61 1.23 -9.33
C PHE A 234 33.16 2.50 -8.71
N SER A 235 32.27 3.41 -8.31
CA SER A 235 32.61 4.65 -7.57
C SER A 235 31.94 4.63 -6.18
N PRO A 236 32.71 4.67 -5.07
CA PRO A 236 34.17 4.44 -5.09
C PRO A 236 34.55 2.99 -5.38
N SER A 237 35.82 2.78 -5.78
CA SER A 237 36.41 1.45 -6.09
C SER A 237 36.34 0.56 -4.84
N LEU A 238 36.04 -0.72 -5.05
CA LEU A 238 35.88 -1.75 -3.99
C LEU A 238 37.25 -2.11 -3.43
N PRO A 239 37.32 -2.60 -2.16
CA PRO A 239 38.59 -2.97 -1.54
C PRO A 239 39.08 -4.32 -2.07
N ALA A 240 40.34 -4.62 -1.80
CA ALA A 240 41.01 -5.87 -2.25
C ALA A 240 40.43 -7.07 -1.49
N SER A 241 40.63 -8.27 -2.03
CA SER A 241 40.21 -9.55 -1.42
C SER A 241 38.70 -9.50 -1.08
N THR A 242 37.90 -9.02 -2.03
CA THR A 242 36.44 -8.85 -1.93
C THR A 242 35.73 -9.90 -2.79
N GLU A 243 34.75 -10.60 -2.21
CA GLU A 243 33.93 -11.59 -2.95
C GLU A 243 32.88 -10.86 -3.76
N LEU A 244 32.86 -11.00 -5.09
CA LEU A 244 31.91 -10.22 -5.93
C LEU A 244 31.09 -11.16 -6.80
N GLN A 245 29.79 -10.89 -6.94
CA GLN A 245 28.92 -11.74 -7.80
C GLN A 245 27.98 -10.85 -8.61
N VAL A 246 27.67 -11.26 -9.84
CA VAL A 246 26.70 -10.52 -10.70
C VAL A 246 25.68 -11.50 -11.28
N ILE A 247 24.39 -11.22 -11.13
CA ILE A 247 23.33 -12.14 -11.67
C ILE A 247 22.37 -11.40 -12.60
N GLU A 248 22.15 -11.96 -13.79
CA GLU A 248 21.12 -11.39 -14.71
C GLU A 248 19.77 -11.67 -14.04
N TYR A 249 18.81 -10.78 -14.14
CA TYR A 249 17.51 -11.05 -13.47
C TYR A 249 16.34 -10.55 -14.31
N THR A 250 15.18 -11.17 -14.10
CA THR A 250 13.93 -10.74 -14.76
C THR A 250 13.12 -9.95 -13.73
N PRO A 251 12.73 -8.68 -14.02
CA PRO A 251 12.01 -7.88 -13.06
C PRO A 251 10.51 -8.08 -13.22
N ILE A 252 9.81 -8.32 -12.13
CA ILE A 252 8.33 -8.45 -12.14
C ILE A 252 7.75 -7.23 -11.44
N GLN A 253 6.96 -6.45 -12.17
CA GLN A 253 6.43 -5.15 -11.66
C GLN A 253 5.22 -5.41 -10.77
N LEU A 254 5.23 -4.87 -9.56
CA LEU A 254 4.08 -5.08 -8.64
C LEU A 254 3.42 -3.74 -8.31
N GLY A 255 4.01 -2.95 -7.42
CA GLY A 255 3.43 -1.67 -6.99
C GLY A 255 3.32 -0.61 -8.07
N ASN A 256 4.30 -0.51 -8.96
CA ASN A 256 4.28 0.54 -10.02
C ASN A 256 4.33 1.93 -9.34
N GLY A 257 5.13 2.08 -8.29
CA GLY A 257 5.26 3.37 -7.59
C GLY A 257 5.60 4.50 -8.56
N ILE A 265 7.19 19.34 -16.61
CA ILE A 265 6.09 19.54 -17.61
C ILE A 265 6.73 19.78 -18.99
N THR A 266 6.05 20.52 -19.90
CA THR A 266 6.52 20.83 -21.28
C THR A 266 5.75 22.04 -21.83
N TRP A 267 6.47 22.98 -22.43
CA TRP A 267 5.87 24.20 -23.07
C TRP A 267 6.90 24.87 -23.98
N VAL A 268 6.42 25.55 -25.04
CA VAL A 268 7.29 26.29 -26.00
C VAL A 268 6.50 27.47 -26.58
N TYR A 269 7.18 28.33 -27.34
CA TYR A 269 6.59 29.56 -27.92
C TYR A 269 7.04 29.79 -29.38
N ASN A 270 6.35 30.74 -30.03
CA ASN A 270 6.61 31.20 -31.42
C ASN A 270 6.83 29.97 -32.32
N GLY A 271 5.89 29.03 -32.33
CA GLY A 271 5.93 27.82 -33.17
C GLY A 271 7.31 27.19 -33.21
N GLY A 272 7.89 26.93 -32.03
CA GLY A 272 9.21 26.29 -31.85
C GLY A 272 10.35 27.22 -32.23
N SER A 273 10.15 28.53 -32.15
CA SER A 273 11.16 29.56 -32.50
C SER A 273 10.96 30.82 -31.65
N ALA A 274 11.28 32.01 -32.19
CA ALA A 274 11.16 33.29 -31.47
C ALA A 274 11.01 34.43 -32.48
N ILE A 275 11.03 35.68 -32.00
CA ILE A 275 10.91 36.90 -32.86
C ILE A 275 12.02 37.87 -32.44
N GLY A 276 11.67 39.13 -32.16
CA GLY A 276 12.65 40.15 -31.75
C GLY A 276 12.06 41.13 -30.75
N GLY A 277 12.92 41.90 -30.09
CA GLY A 277 12.56 42.92 -29.10
C GLY A 277 11.49 42.42 -28.14
N GLU A 278 11.71 41.24 -27.54
CA GLU A 278 10.78 40.56 -26.62
C GLU A 278 11.25 40.78 -25.18
N THR A 279 10.87 41.90 -24.55
CA THR A 279 11.25 42.22 -23.15
C THR A 279 10.87 41.02 -22.28
N GLU A 280 9.57 40.74 -22.25
CA GLU A 280 8.97 39.62 -21.46
C GLU A 280 8.18 38.69 -22.38
N ILE A 281 7.37 37.82 -21.79
CA ILE A 281 6.55 36.85 -22.58
C ILE A 281 5.32 36.48 -21.76
N THR A 282 4.16 37.07 -22.07
CA THR A 282 2.87 36.77 -21.40
C THR A 282 2.67 35.23 -21.39
N LEU A 283 2.34 34.64 -20.24
CA LEU A 283 2.13 33.17 -20.12
C LEU A 283 0.82 32.80 -20.84
N ASP A 284 0.69 31.53 -21.26
CA ASP A 284 -0.52 31.03 -21.96
C ASP A 284 -1.74 31.11 -21.02
N ILE A 285 -1.54 30.80 -19.74
CA ILE A 285 -2.61 30.80 -18.69
C ILE A 285 -1.92 30.88 -17.33
N VAL A 286 -2.57 31.53 -16.36
CA VAL A 286 -2.03 31.67 -14.97
C VAL A 286 -1.67 30.27 -14.45
N VAL A 287 -0.41 30.09 -14.06
CA VAL A 287 0.11 28.79 -13.50
C VAL A 287 0.89 29.05 -12.21
N ASP A 288 1.44 28.02 -11.55
CA ASP A 288 2.17 28.16 -10.26
C ASP A 288 3.65 28.44 -10.53
N ASP A 289 4.55 27.70 -9.86
CA ASP A 289 6.02 27.89 -9.90
C ASP A 289 6.53 27.81 -11.35
N VAL A 290 7.51 28.66 -11.69
CA VAL A 290 8.16 28.72 -13.04
C VAL A 290 9.68 28.54 -12.88
N PRO A 291 10.19 27.28 -12.90
CA PRO A 291 11.61 26.99 -12.70
C PRO A 291 12.58 27.70 -13.65
N ALA A 292 12.78 27.16 -14.85
CA ALA A 292 13.77 27.67 -15.83
C ALA A 292 13.25 27.53 -17.26
N ILE A 293 14.01 28.05 -18.23
CA ILE A 293 13.65 27.98 -19.68
C ILE A 293 14.89 27.59 -20.50
N ASP A 294 14.73 26.65 -21.43
CA ASP A 294 15.83 26.20 -22.33
C ASP A 294 16.00 27.24 -23.45
N ILE A 295 17.26 27.65 -23.67
CA ILE A 295 17.63 28.68 -24.70
C ILE A 295 19.06 28.39 -25.17
N ASN A 296 19.22 28.01 -26.44
CA ASN A 296 20.55 27.70 -27.06
C ASN A 296 21.22 26.68 -26.13
N GLY A 297 20.51 25.60 -25.81
CA GLY A 297 21.00 24.51 -24.94
C GLY A 297 21.03 24.93 -23.48
N SER A 298 22.15 25.54 -23.04
CA SER A 298 22.36 26.04 -21.66
C SER A 298 21.11 26.75 -21.12
N ARG A 299 20.15 25.99 -20.53
CA ARG A 299 18.88 26.55 -20.01
C ARG A 299 19.19 27.45 -18.81
N GLN A 300 18.77 28.73 -18.84
CA GLN A 300 19.02 29.69 -17.73
C GLN A 300 17.88 29.54 -16.71
N TYR A 301 18.22 29.55 -15.41
CA TYR A 301 17.26 29.35 -14.29
C TYR A 301 16.56 30.66 -13.96
N LYS A 302 15.61 30.61 -13.00
CA LYS A 302 14.85 31.80 -12.53
C LYS A 302 15.79 32.69 -11.72
N ASN A 303 15.56 34.01 -11.70
CA ASN A 303 16.40 34.99 -10.96
C ASN A 303 17.86 34.83 -11.42
N LEU A 304 18.07 34.75 -12.74
CA LEU A 304 19.38 34.57 -13.43
C LEU A 304 19.14 34.74 -14.94
N GLY A 305 18.14 35.54 -15.31
CA GLY A 305 17.77 35.76 -16.73
C GLY A 305 16.31 36.13 -16.90
N PHE A 306 15.46 35.80 -15.93
CA PHE A 306 14.00 36.05 -16.01
C PHE A 306 13.30 35.90 -14.66
N THR A 307 12.17 36.62 -14.54
CA THR A 307 11.27 36.58 -13.36
C THR A 307 9.83 36.35 -13.85
N PHE A 308 8.96 35.90 -12.95
CA PHE A 308 7.53 35.61 -13.29
C PHE A 308 6.69 35.49 -12.02
N ASP A 309 5.54 36.17 -12.01
CA ASP A 309 4.55 36.17 -10.88
C ASP A 309 3.27 35.46 -11.31
N PRO A 310 2.94 34.28 -10.71
CA PRO A 310 1.75 33.50 -11.07
C PRO A 310 0.45 34.28 -11.32
N LEU A 311 0.08 35.16 -10.41
CA LEU A 311 -1.14 36.00 -10.55
C LEU A 311 -1.05 36.73 -11.90
N THR A 312 0.06 37.43 -12.17
CA THR A 312 0.34 38.21 -13.39
C THR A 312 0.43 37.27 -14.61
N SER A 313 1.01 36.08 -14.40
CA SER A 313 1.23 35.01 -15.41
C SER A 313 1.92 35.60 -16.64
N LYS A 314 3.18 36.01 -16.49
CA LYS A 314 3.99 36.63 -17.56
C LYS A 314 5.48 36.30 -17.35
N ILE A 315 6.15 35.78 -18.37
CA ILE A 315 7.60 35.41 -18.30
C ILE A 315 8.43 36.70 -18.45
N THR A 316 8.55 37.48 -17.36
CA THR A 316 9.33 38.76 -17.38
C THR A 316 10.82 38.43 -17.54
N LEU A 317 11.29 38.20 -18.78
CA LEU A 317 12.74 37.94 -19.07
C LEU A 317 13.55 39.19 -18.68
N ALA A 318 14.72 39.03 -18.05
CA ALA A 318 15.52 40.15 -17.50
C ALA A 318 16.51 40.67 -18.56
N GLN A 319 16.11 40.68 -19.84
CA GLN A 319 16.98 41.21 -20.93
C GLN A 319 16.15 41.43 -22.21
N GLU A 320 16.78 41.23 -23.37
CA GLU A 320 16.19 41.32 -24.72
C GLU A 320 16.85 40.25 -25.60
N LEU A 321 16.07 39.58 -26.45
CA LEU A 321 16.54 38.50 -27.35
C LEU A 321 17.04 39.12 -28.66
N ASP A 322 17.52 38.28 -29.58
CA ASP A 322 18.01 38.73 -30.91
C ASP A 322 17.37 37.86 -31.99
N ALA A 323 18.14 37.57 -33.05
CA ALA A 323 17.71 36.76 -34.21
C ALA A 323 18.28 35.34 -34.12
N GLU A 324 17.51 34.35 -34.60
CA GLU A 324 17.89 32.91 -34.68
C GLU A 324 18.19 32.39 -33.26
N ASP A 325 17.15 32.11 -32.45
CA ASP A 325 17.27 31.56 -31.06
C ASP A 325 15.98 30.84 -30.67
N GLU A 326 16.11 29.64 -30.09
CA GLU A 326 14.98 28.75 -29.74
C GLU A 326 14.70 28.84 -28.22
N VAL A 327 13.45 28.64 -27.80
CA VAL A 327 13.03 28.79 -26.38
C VAL A 327 12.04 27.68 -26.00
N VAL A 328 12.37 26.92 -24.95
CA VAL A 328 11.45 25.87 -24.39
C VAL A 328 11.16 26.24 -22.93
N VAL A 329 9.99 25.85 -22.40
CA VAL A 329 9.57 26.27 -21.02
C VAL A 329 9.41 25.04 -20.11
N ILE A 330 9.44 25.29 -18.80
CA ILE A 330 9.23 24.27 -17.73
C ILE A 330 8.51 24.98 -16.59
N ILE A 331 7.51 24.32 -16.02
CA ILE A 331 6.70 24.89 -14.91
C ILE A 331 6.64 23.86 -13.77
N ASN A 332 5.81 24.12 -12.75
CA ASN A 332 5.66 23.21 -11.57
C ASN A 332 4.18 22.98 -11.23
N GLY A 333 3.87 21.83 -10.62
CA GLY A 333 2.49 21.39 -10.35
C GLY A 333 1.72 21.16 -11.63
N THR A 334 0.41 21.41 -11.60
CA THR A 334 -0.53 21.23 -12.74
C THR A 334 -1.41 22.48 -12.85
N PRO A 335 -1.10 23.42 -13.78
CA PRO A 335 -1.96 24.58 -14.01
C PRO A 335 -3.32 24.27 -14.62
N HIS A 336 -3.44 23.13 -15.30
CA HIS A 336 -4.69 22.68 -15.96
C HIS A 336 -5.24 23.84 -16.80
N HIS A 337 -4.36 24.47 -17.56
CA HIS A 337 -4.66 25.66 -18.40
C HIS A 337 -5.40 26.72 -17.56
N ALA B 2 -31.49 -20.69 56.49
CA ALA B 2 -30.89 -19.59 55.68
C ALA B 2 -31.98 -18.90 54.84
N ASN B 3 -32.36 -19.52 53.73
CA ASN B 3 -33.42 -19.01 52.83
C ASN B 3 -33.97 -20.21 52.05
N LYS B 4 -35.17 -20.68 52.40
CA LYS B 4 -35.86 -21.80 51.70
C LYS B 4 -35.74 -21.60 50.19
N PRO B 5 -35.12 -22.55 49.43
CA PRO B 5 -34.94 -22.44 47.98
C PRO B 5 -36.22 -22.66 47.18
N THR B 6 -36.21 -22.27 45.89
CA THR B 6 -37.43 -22.37 45.03
C THR B 6 -37.18 -23.22 43.79
N GLN B 7 -36.17 -24.10 43.79
CA GLN B 7 -35.82 -24.94 42.62
C GLN B 7 -35.27 -26.27 43.07
N PRO B 8 -35.75 -27.39 42.54
CA PRO B 8 -35.20 -28.70 42.84
C PRO B 8 -33.68 -28.64 42.69
N LEU B 9 -32.94 -29.33 43.57
CA LEU B 9 -31.45 -29.42 43.57
C LEU B 9 -31.07 -30.90 43.30
N PHE B 10 -30.04 -31.11 42.49
CA PHE B 10 -29.42 -32.42 42.13
C PHE B 10 -27.96 -32.40 42.55
N PRO B 11 -27.70 -32.72 43.82
CA PRO B 11 -26.36 -32.60 44.39
C PRO B 11 -25.22 -33.28 43.65
N MSE B 12 -25.48 -34.37 42.93
CA MSE B 12 -24.45 -35.03 42.13
C MSE B 12 -24.65 -34.71 40.65
O MSE B 12 -24.22 -35.45 39.75
CB MSE B 12 -24.49 -36.55 42.37
CG MSE B 12 -24.19 -36.95 43.79
SE MSE B 12 -22.26 -36.90 44.19
CE MSE B 12 -21.17 -36.32 42.61
N GLY B 13 -25.29 -33.58 40.39
CA GLY B 13 -25.76 -33.28 39.04
C GLY B 13 -26.66 -34.37 38.49
N LEU B 14 -26.83 -34.41 37.17
CA LEU B 14 -27.77 -35.38 36.58
C LEU B 14 -27.31 -35.83 35.18
N GLU B 15 -27.96 -36.87 34.64
CA GLU B 15 -27.60 -37.43 33.32
C GLU B 15 -28.86 -37.52 32.50
N THR B 16 -28.77 -37.28 31.20
CA THR B 16 -29.93 -37.36 30.29
C THR B 16 -29.50 -38.09 29.01
N SER B 17 -30.39 -38.94 28.47
CA SER B 17 -30.13 -39.77 27.26
C SER B 17 -30.83 -39.25 26.00
N GLU B 18 -31.70 -38.23 26.09
CA GLU B 18 -32.20 -37.56 24.85
C GLU B 18 -32.20 -36.03 25.02
N SER B 19 -32.52 -35.31 23.94
CA SER B 19 -32.40 -33.83 23.91
C SER B 19 -33.29 -33.23 24.98
N SER B 20 -32.78 -32.32 25.79
CA SER B 20 -33.62 -31.61 26.78
C SER B 20 -34.18 -30.38 26.12
N ASN B 21 -35.12 -29.71 26.78
CA ASN B 21 -35.77 -28.48 26.25
C ASN B 21 -35.72 -27.35 27.30
N ILE B 22 -34.63 -26.57 27.32
CA ILE B 22 -34.25 -25.71 28.48
C ILE B 22 -34.47 -24.22 28.18
N LYS B 23 -35.40 -23.55 28.88
CA LYS B 23 -35.58 -22.07 28.92
C LYS B 23 -34.35 -21.42 29.58
N GLY B 24 -33.18 -21.65 28.99
CA GLY B 24 -31.89 -21.10 29.43
C GLY B 24 -31.45 -21.55 30.81
N PHE B 25 -30.17 -21.34 31.09
CA PHE B 25 -29.53 -21.60 32.40
C PHE B 25 -28.39 -20.62 32.63
N ASN B 26 -27.87 -20.60 33.87
CA ASN B 26 -26.73 -19.73 34.27
C ASN B 26 -25.57 -20.63 34.65
N ASN B 27 -24.68 -20.89 33.71
CA ASN B 27 -23.58 -21.87 33.93
C ASN B 27 -22.67 -21.37 35.03
N SER B 28 -22.36 -22.22 36.00
CA SER B 28 -21.44 -21.93 37.13
C SER B 28 -20.26 -22.91 37.13
N GLY B 29 -19.94 -23.53 36.01
CA GLY B 29 -18.86 -24.54 35.95
C GLY B 29 -18.30 -24.79 34.55
N THR B 30 -17.46 -25.81 34.39
CA THR B 30 -16.92 -26.23 33.07
C THR B 30 -18.05 -26.76 32.22
N MSE B 31 -17.99 -26.47 30.93
CA MSE B 31 -19.04 -26.83 29.99
C MSE B 31 -18.33 -27.44 28.80
O MSE B 31 -18.17 -26.80 27.79
CB MSE B 31 -19.84 -25.57 29.64
CG MSE B 31 -20.85 -25.71 28.54
SE MSE B 31 -21.92 -24.07 28.59
CE MSE B 31 -22.87 -24.00 26.87
N GLU B 32 -17.89 -28.68 28.95
CA GLU B 32 -17.18 -29.38 27.91
C GLU B 32 -18.20 -30.14 27.04
N HIS B 33 -17.66 -30.85 26.04
CA HIS B 33 -18.41 -31.75 25.12
C HIS B 33 -17.64 -33.04 24.90
N SER B 34 -18.14 -33.88 24.00
CA SER B 34 -17.55 -35.24 23.80
C SER B 34 -17.89 -35.73 22.41
N PRO B 35 -17.09 -36.65 21.82
CA PRO B 35 -17.21 -37.06 20.42
C PRO B 35 -18.57 -36.99 19.74
N GLY B 36 -18.61 -36.23 18.64
CA GLY B 36 -19.83 -36.04 17.85
C GLY B 36 -20.88 -35.25 18.61
N ALA B 37 -20.46 -34.43 19.57
CA ALA B 37 -21.32 -33.39 20.16
C ALA B 37 -21.33 -32.21 19.21
N VAL B 38 -22.37 -31.40 19.25
CA VAL B 38 -22.45 -30.34 18.23
C VAL B 38 -22.90 -29.03 18.86
N MSE B 39 -22.19 -27.95 18.54
CA MSE B 39 -22.57 -26.64 19.10
C MSE B 39 -23.10 -25.76 17.97
O MSE B 39 -22.65 -25.90 16.84
CB MSE B 39 -21.37 -26.00 19.80
CG MSE B 39 -21.44 -26.15 21.29
SE MSE B 39 -20.72 -24.51 22.01
CE MSE B 39 -18.98 -24.96 22.75
N THR B 40 -24.03 -24.90 18.34
CA THR B 40 -24.71 -24.01 17.40
C THR B 40 -25.03 -22.71 18.11
N PHE B 41 -24.55 -21.58 17.58
CA PHE B 41 -24.87 -20.27 18.18
C PHE B 41 -26.32 -19.91 17.81
N PRO B 42 -26.98 -19.05 18.60
CA PRO B 42 -28.33 -18.59 18.29
C PRO B 42 -28.44 -17.89 16.94
N GLU B 43 -29.63 -17.82 16.36
CA GLU B 43 -29.82 -17.22 15.02
C GLU B 43 -30.53 -15.87 15.15
N ASP B 44 -29.78 -14.79 15.19
CA ASP B 44 -30.32 -13.45 15.49
C ASP B 44 -29.78 -12.44 14.47
N THR B 45 -30.62 -11.46 14.24
CA THR B 45 -30.49 -10.42 13.19
C THR B 45 -30.69 -9.03 13.84
N GLU B 46 -31.45 -8.96 14.95
CA GLU B 46 -31.87 -7.72 15.66
C GLU B 46 -30.66 -6.84 15.94
N VAL B 47 -30.86 -5.61 16.43
CA VAL B 47 -29.72 -4.69 16.76
C VAL B 47 -29.52 -4.54 18.27
N THR B 48 -30.57 -4.58 19.10
CA THR B 48 -30.42 -4.53 20.58
C THR B 48 -29.68 -5.79 21.06
N GLY B 49 -28.44 -5.66 21.57
CA GLY B 49 -27.69 -6.81 22.14
C GLY B 49 -27.10 -6.60 23.54
N LEU B 50 -26.27 -7.53 24.03
CA LEU B 50 -25.52 -7.34 25.31
C LEU B 50 -24.07 -7.75 25.17
N PRO B 51 -23.11 -6.99 25.75
CA PRO B 51 -21.71 -7.28 25.49
C PRO B 51 -21.57 -8.72 25.95
N SER B 52 -20.64 -9.44 25.33
CA SER B 52 -20.23 -10.83 25.67
C SER B 52 -21.23 -11.85 25.11
N SER B 53 -22.33 -11.38 24.52
CA SER B 53 -23.30 -12.20 23.74
C SER B 53 -22.68 -12.56 22.37
N VAL B 54 -23.11 -13.69 21.79
CA VAL B 54 -22.63 -14.17 20.46
C VAL B 54 -23.80 -14.82 19.69
N ARG B 55 -23.62 -15.12 18.39
CA ARG B 55 -24.74 -15.42 17.46
C ARG B 55 -24.29 -15.66 16.03
N TYR B 56 -25.19 -16.20 15.23
CA TYR B 56 -24.96 -16.49 13.79
C TYR B 56 -25.92 -15.62 13.01
N ASN B 57 -25.41 -14.83 12.07
CA ASN B 57 -26.29 -13.93 11.30
C ASN B 57 -26.69 -14.65 10.04
N PRO B 58 -27.99 -14.97 9.94
CA PRO B 58 -28.51 -15.78 8.84
C PRO B 58 -28.63 -14.97 7.54
N ASP B 59 -28.69 -13.64 7.66
CA ASP B 59 -28.66 -12.68 6.53
C ASP B 59 -27.21 -12.41 6.10
N SER B 60 -26.24 -12.46 7.00
CA SER B 60 -24.84 -12.07 6.70
C SER B 60 -24.01 -13.32 6.43
N ASP B 61 -24.47 -14.47 6.91
CA ASP B 61 -23.64 -15.70 7.02
C ASP B 61 -22.33 -15.33 7.71
N GLU B 62 -22.45 -14.64 8.83
CA GLU B 62 -21.24 -14.18 9.58
C GLU B 62 -21.44 -14.49 11.07
N PHE B 63 -20.46 -15.11 11.72
CA PHE B 63 -20.51 -15.29 13.20
C PHE B 63 -20.12 -13.96 13.85
N GLU B 64 -20.99 -13.41 14.69
CA GLU B 64 -20.81 -12.07 15.27
C GLU B 64 -20.92 -12.19 16.80
N GLY B 65 -20.12 -11.41 17.51
CA GLY B 65 -20.22 -11.21 18.97
C GLY B 65 -20.73 -9.82 19.24
N TYR B 66 -21.28 -9.54 20.41
CA TYR B 66 -21.70 -8.15 20.78
C TYR B 66 -20.52 -7.51 21.49
N TYR B 67 -20.11 -6.31 21.03
CA TYR B 67 -18.90 -5.62 21.54
C TYR B 67 -19.33 -4.39 22.35
N GLU B 68 -18.82 -4.27 23.59
CA GLU B 68 -19.02 -3.07 24.48
C GLU B 68 -19.17 -1.81 23.64
N ASN B 69 -18.15 -1.62 22.80
CA ASN B 69 -17.96 -0.46 21.90
C ASN B 69 -18.90 -0.56 20.69
N GLY B 70 -18.41 -1.20 19.63
CA GLY B 70 -19.10 -1.28 18.31
C GLY B 70 -20.48 -1.92 18.35
N GLY B 71 -20.61 -3.08 18.96
CA GLY B 71 -21.88 -3.82 18.98
C GLY B 71 -21.72 -5.15 18.27
N TRP B 72 -22.72 -5.56 17.48
CA TRP B 72 -22.68 -6.90 16.81
C TRP B 72 -21.74 -6.86 15.61
N LEU B 73 -20.51 -7.40 15.71
CA LEU B 73 -19.56 -7.43 14.55
C LEU B 73 -18.94 -8.80 14.40
N SER B 74 -18.46 -9.14 13.20
CA SER B 74 -17.75 -10.42 12.94
C SER B 74 -16.75 -10.61 14.06
N LEU B 75 -16.52 -11.83 14.52
CA LEU B 75 -15.66 -12.03 15.72
C LEU B 75 -14.20 -11.71 15.35
N GLY B 76 -13.47 -10.96 16.19
CA GLY B 76 -12.13 -10.45 15.82
C GLY B 76 -12.17 -9.53 14.61
N GLY B 77 -13.19 -8.68 14.55
CA GLY B 77 -13.24 -7.43 13.74
C GLY B 77 -13.67 -7.61 12.28
N GLY B 78 -12.74 -7.98 11.39
CA GLY B 78 -13.04 -8.13 9.94
C GLY B 78 -12.26 -9.25 9.28
N GLY B 79 -12.82 -9.83 8.21
CA GLY B 79 -12.19 -10.97 7.52
C GLY B 79 -12.17 -10.84 6.01
N ILE B 80 -11.15 -11.42 5.37
CA ILE B 80 -11.05 -11.54 3.89
C ILE B 80 -11.63 -12.89 3.50
N ARG B 81 -12.93 -12.99 3.36
CA ARG B 81 -13.43 -14.25 2.84
C ARG B 81 -12.95 -14.26 1.40
N TRP B 82 -12.10 -15.20 1.00
CA TRP B 82 -11.48 -15.17 -0.34
C TRP B 82 -12.26 -16.10 -1.26
N GLU B 83 -12.68 -15.63 -2.43
CA GLU B 83 -13.42 -16.47 -3.42
C GLU B 83 -12.96 -16.11 -4.82
N THR B 84 -12.81 -17.07 -5.72
CA THR B 84 -12.61 -16.72 -7.15
C THR B 84 -13.94 -16.20 -7.68
N LEU B 85 -13.92 -15.24 -8.62
CA LEU B 85 -15.21 -14.74 -9.18
C LEU B 85 -15.38 -15.12 -10.65
N PRO B 86 -16.51 -15.78 -10.98
CA PRO B 86 -16.67 -16.30 -12.32
C PRO B 86 -16.76 -15.01 -13.16
N HIS B 87 -16.04 -14.98 -14.28
CA HIS B 87 -15.97 -13.76 -15.13
C HIS B 87 -17.36 -13.45 -15.67
N ALA B 88 -17.89 -12.27 -15.36
CA ALA B 88 -19.18 -11.82 -15.95
C ALA B 88 -19.23 -10.30 -16.13
N PRO B 89 -19.93 -9.84 -17.18
CA PRO B 89 -20.19 -8.43 -17.45
C PRO B 89 -20.29 -7.51 -16.24
N SER B 90 -21.25 -7.78 -15.37
CA SER B 90 -21.33 -7.18 -13.99
C SER B 90 -21.51 -8.30 -12.96
N SER B 91 -20.94 -8.09 -11.76
CA SER B 91 -21.27 -8.85 -10.53
C SER B 91 -21.57 -7.89 -9.39
N ASN B 92 -22.68 -8.11 -8.72
CA ASN B 92 -22.94 -7.53 -7.38
C ASN B 92 -21.96 -8.29 -6.47
N LEU B 93 -21.42 -7.67 -5.40
CA LEU B 93 -20.42 -8.31 -4.48
C LEU B 93 -20.94 -8.20 -3.05
N LEU B 94 -20.19 -8.70 -2.08
CA LEU B 94 -20.72 -8.85 -0.71
C LEU B 94 -19.70 -8.47 0.35
N GLU B 95 -20.19 -7.70 1.33
CA GLU B 95 -19.40 -7.19 2.47
C GLU B 95 -18.57 -8.35 3.06
N GLY B 96 -17.33 -8.12 3.41
CA GLY B 96 -16.51 -9.12 4.13
C GLY B 96 -15.83 -10.10 3.20
N ARG B 97 -16.28 -10.22 1.97
CA ARG B 97 -15.66 -11.22 1.08
C ARG B 97 -14.47 -10.50 0.40
N GLY B 98 -13.49 -11.26 -0.07
CA GLY B 98 -12.48 -10.80 -1.04
C GLY B 98 -12.58 -11.57 -2.33
N TYR B 99 -12.65 -10.88 -3.46
CA TYR B 99 -12.89 -11.49 -4.80
C TYR B 99 -11.62 -11.47 -5.66
N LEU B 100 -11.18 -12.65 -6.13
CA LEU B 100 -10.16 -12.82 -7.23
C LEU B 100 -10.77 -12.68 -8.65
N ILE B 101 -10.36 -11.65 -9.41
CA ILE B 101 -11.07 -11.26 -10.65
C ILE B 101 -10.27 -11.90 -11.79
N ASN B 102 -10.96 -12.57 -12.72
CA ASN B 102 -10.25 -13.16 -13.90
C ASN B 102 -10.73 -12.49 -15.19
N ASN B 103 -10.06 -11.42 -15.57
CA ASN B 103 -10.47 -10.63 -16.75
C ASN B 103 -9.67 -11.08 -17.97
N THR B 104 -9.25 -12.34 -18.00
CA THR B 104 -8.49 -12.87 -19.17
C THR B 104 -9.46 -12.83 -20.36
N THR B 105 -10.74 -13.17 -20.17
CA THR B 105 -11.83 -13.15 -21.19
C THR B 105 -11.99 -11.75 -21.74
N GLY B 106 -11.96 -10.74 -20.86
CA GLY B 106 -12.10 -9.32 -21.26
C GLY B 106 -12.58 -8.37 -20.15
N THR B 107 -13.14 -7.26 -20.55
CA THR B 107 -13.62 -6.21 -19.61
C THR B 107 -14.76 -6.78 -18.76
N SER B 108 -14.98 -6.21 -17.60
CA SER B 108 -15.99 -6.71 -16.61
C SER B 108 -16.24 -5.64 -15.56
N THR B 109 -17.42 -5.64 -14.94
CA THR B 109 -17.65 -4.65 -13.86
C THR B 109 -18.21 -5.34 -12.60
N VAL B 110 -17.92 -4.73 -11.45
CA VAL B 110 -18.35 -5.20 -10.10
C VAL B 110 -19.12 -4.08 -9.39
N VAL B 111 -20.27 -4.44 -8.84
CA VAL B 111 -21.14 -3.53 -8.05
C VAL B 111 -20.79 -3.78 -6.60
N LEU B 112 -20.84 -2.73 -5.79
CA LEU B 112 -20.47 -2.84 -4.38
C LEU B 112 -21.75 -3.01 -3.57
N PRO B 113 -21.66 -3.68 -2.42
CA PRO B 113 -22.85 -3.96 -1.64
C PRO B 113 -23.49 -2.67 -1.16
N SER B 114 -24.83 -2.59 -1.03
CA SER B 114 -25.36 -1.51 -0.17
C SER B 114 -24.53 -1.54 1.12
N PRO B 115 -24.09 -0.36 1.60
CA PRO B 115 -23.44 -0.28 2.91
C PRO B 115 -24.41 -0.34 4.10
N THR B 116 -24.16 -1.25 5.03
CA THR B 116 -24.93 -1.32 6.28
C THR B 116 -24.23 -0.50 7.35
N ARG B 117 -22.96 -0.81 7.60
CA ARG B 117 -22.15 -0.19 8.69
C ARG B 117 -20.94 0.56 8.12
N ILE B 118 -20.42 1.48 8.91
CA ILE B 118 -19.09 2.08 8.63
C ILE B 118 -18.09 0.95 8.70
N GLY B 119 -17.32 0.69 7.67
CA GLY B 119 -16.17 -0.23 7.78
C GLY B 119 -16.45 -1.55 7.12
N ASP B 120 -17.68 -1.68 6.63
CA ASP B 120 -18.02 -2.67 5.57
C ASP B 120 -16.94 -2.56 4.51
N SER B 121 -16.42 -3.70 4.10
CA SER B 121 -15.26 -3.69 3.20
C SER B 121 -15.35 -4.86 2.24
N VAL B 122 -15.13 -4.59 0.96
CA VAL B 122 -14.98 -5.63 -0.09
C VAL B 122 -13.53 -5.58 -0.50
N THR B 123 -12.95 -6.70 -0.89
CA THR B 123 -11.61 -6.70 -1.52
C THR B 123 -11.71 -7.26 -2.95
N ILE B 124 -10.88 -6.71 -3.82
CA ILE B 124 -10.75 -7.20 -5.21
C ILE B 124 -9.25 -7.33 -5.52
N CYS B 125 -8.93 -8.33 -6.34
CA CYS B 125 -7.54 -8.57 -6.77
C CYS B 125 -7.53 -8.85 -8.27
N ASP B 126 -6.59 -8.24 -8.99
CA ASP B 126 -6.25 -8.72 -10.35
C ASP B 126 -5.31 -9.92 -10.18
N ALA B 127 -5.90 -11.11 -10.08
CA ALA B 127 -5.17 -12.38 -9.88
C ALA B 127 -4.48 -12.85 -11.15
N TYR B 128 -4.71 -12.18 -12.30
CA TYR B 128 -4.36 -12.73 -13.63
C TYR B 128 -3.59 -11.73 -14.50
N GLY B 129 -3.41 -10.52 -13.98
CA GLY B 129 -2.47 -9.54 -14.56
C GLY B 129 -3.01 -8.97 -15.85
N LYS B 130 -4.28 -8.58 -15.87
CA LYS B 130 -4.94 -8.24 -17.13
C LYS B 130 -5.68 -6.90 -17.05
N PHE B 131 -5.74 -6.29 -15.88
CA PHE B 131 -6.59 -5.09 -15.67
C PHE B 131 -6.17 -3.99 -16.65
N ALA B 132 -4.88 -3.94 -16.94
CA ALA B 132 -4.33 -2.99 -17.92
C ALA B 132 -5.02 -3.25 -19.25
N THR B 133 -4.94 -4.51 -19.70
CA THR B 133 -5.54 -5.01 -20.96
C THR B 133 -7.08 -4.95 -20.88
N TYR B 134 -7.70 -5.32 -19.73
CA TYR B 134 -9.18 -5.34 -19.57
C TYR B 134 -9.62 -4.72 -18.25
N PRO B 135 -9.68 -3.39 -18.19
CA PRO B 135 -10.09 -2.66 -16.99
C PRO B 135 -11.36 -3.06 -16.22
N LEU B 136 -11.18 -3.36 -14.93
CA LEU B 136 -12.32 -3.62 -14.01
C LEU B 136 -13.01 -2.31 -13.62
N THR B 137 -14.28 -2.17 -13.93
CA THR B 137 -15.06 -1.04 -13.39
C THR B 137 -15.60 -1.41 -12.02
N VAL B 138 -15.44 -0.51 -11.07
CA VAL B 138 -16.02 -0.62 -9.71
C VAL B 138 -17.16 0.40 -9.57
N SER B 139 -18.42 -0.04 -9.45
CA SER B 139 -19.57 0.88 -9.26
C SER B 139 -19.96 1.00 -7.80
N PRO B 140 -20.17 2.23 -7.27
CA PRO B 140 -20.75 2.42 -5.93
C PRO B 140 -22.27 2.60 -5.91
N SER B 141 -22.89 2.50 -7.08
CA SER B 141 -24.32 2.77 -7.25
C SER B 141 -24.62 4.15 -6.64
N GLY B 142 -25.79 4.36 -6.05
CA GLY B 142 -26.21 5.69 -5.56
C GLY B 142 -25.25 6.20 -4.49
N ASN B 143 -24.52 5.28 -3.88
CA ASN B 143 -23.52 5.61 -2.83
C ASN B 143 -22.21 6.00 -3.48
N ASN B 144 -21.44 6.84 -2.81
CA ASN B 144 -20.25 7.47 -3.45
C ASN B 144 -18.98 6.84 -2.92
N MSE B 145 -18.04 6.71 -3.88
CA MSE B 145 -16.64 6.22 -3.70
C MSE B 145 -15.74 7.45 -3.93
O MSE B 145 -15.84 8.02 -5.04
CB MSE B 145 -16.33 5.13 -4.72
CG MSE B 145 -15.14 4.26 -4.35
SE MSE B 145 -14.62 3.07 -5.83
CE MSE B 145 -15.54 3.62 -7.47
N TYR B 146 -14.87 7.76 -2.97
CA TYR B 146 -14.12 9.01 -2.92
C TYR B 146 -15.04 10.15 -3.35
N GLY B 147 -16.10 10.39 -2.59
CA GLY B 147 -16.87 11.64 -2.66
C GLY B 147 -17.70 11.87 -3.92
N SER B 148 -17.92 10.87 -4.79
CA SER B 148 -18.99 10.94 -5.83
C SER B 148 -19.38 9.56 -6.40
N THR B 149 -20.67 9.46 -6.75
CA THR B 149 -21.44 8.26 -7.16
C THR B 149 -20.88 7.67 -8.44
N GLU B 150 -20.04 8.44 -9.15
CA GLU B 150 -19.43 8.03 -10.44
C GLU B 150 -18.71 6.69 -10.26
N ASP B 151 -18.97 5.71 -11.12
CA ASP B 151 -18.14 4.48 -11.22
C ASP B 151 -16.67 4.88 -11.42
N MSE B 152 -15.73 4.00 -11.06
CA MSE B 152 -14.30 4.22 -11.30
C MSE B 152 -13.74 2.94 -11.91
O MSE B 152 -14.19 1.83 -11.65
CB MSE B 152 -13.62 4.62 -9.99
CG MSE B 152 -12.22 5.19 -10.09
SE MSE B 152 -11.26 5.00 -8.36
CE MSE B 152 -11.06 3.06 -8.11
N ALA B 153 -12.71 3.11 -12.72
CA ALA B 153 -12.13 1.96 -13.38
C ALA B 153 -10.66 1.86 -13.03
N ILE B 154 -10.21 0.63 -12.86
CA ILE B 154 -8.80 0.30 -12.55
C ILE B 154 -8.13 -0.25 -13.79
N THR B 155 -6.90 0.16 -14.06
CA THR B 155 -6.21 -0.19 -15.34
C THR B 155 -4.74 -0.53 -15.12
N THR B 156 -4.42 -1.22 -14.04
CA THR B 156 -3.01 -1.46 -13.65
C THR B 156 -2.86 -2.94 -13.36
N ASP B 157 -1.98 -3.60 -14.10
CA ASP B 157 -1.82 -5.07 -14.05
C ASP B 157 -1.51 -5.47 -12.59
N ASN B 158 -2.16 -6.53 -12.12
CA ASN B 158 -1.94 -7.11 -10.78
C ASN B 158 -2.20 -6.06 -9.70
N VAL B 159 -3.15 -5.15 -9.94
CA VAL B 159 -3.72 -4.33 -8.84
C VAL B 159 -4.24 -5.30 -7.77
N SER B 160 -4.77 -4.74 -6.69
CA SER B 160 -5.53 -5.42 -5.61
C SER B 160 -5.88 -4.37 -4.55
N ALA B 161 -7.12 -4.33 -4.05
CA ALA B 161 -7.62 -3.15 -3.31
C ALA B 161 -8.86 -3.46 -2.50
N THR B 162 -8.83 -3.01 -1.24
CA THR B 162 -9.96 -3.14 -0.28
C THR B 162 -10.75 -1.83 -0.18
N PHE B 163 -11.99 -1.85 -0.62
CA PHE B 163 -12.92 -0.72 -0.46
C PHE B 163 -13.55 -0.87 0.92
N THR B 164 -13.50 0.22 1.70
CA THR B 164 -14.06 0.29 3.08
C THR B 164 -15.09 1.42 3.07
N TRP B 165 -16.18 1.27 3.83
CA TRP B 165 -17.23 2.33 3.81
C TRP B 165 -16.89 3.39 4.86
N SER B 166 -16.76 4.65 4.45
CA SER B 166 -16.34 5.76 5.34
C SER B 166 -17.54 6.33 6.11
N GLY B 167 -18.57 6.69 5.37
CA GLY B 167 -19.78 7.32 5.90
C GLY B 167 -20.60 7.76 4.71
N PRO B 168 -21.88 8.11 4.89
CA PRO B 168 -22.70 8.58 3.79
C PRO B 168 -21.90 9.57 2.91
N GLU B 169 -21.27 10.54 3.58
CA GLU B 169 -20.51 11.69 2.99
C GLU B 169 -19.43 11.21 2.01
N GLN B 170 -18.20 10.94 2.45
CA GLN B 170 -17.06 10.73 1.52
C GLN B 170 -17.17 9.38 0.84
N GLY B 171 -17.58 8.38 1.62
CA GLY B 171 -18.06 7.08 1.12
C GLY B 171 -16.97 6.03 1.00
N TRP B 172 -17.15 5.17 0.01
CA TRP B 172 -16.23 4.04 -0.27
C TRP B 172 -14.85 4.61 -0.55
N VAL B 173 -13.81 4.05 0.06
CA VAL B 173 -12.39 4.50 -0.12
C VAL B 173 -11.43 3.31 0.03
N ILE B 174 -10.25 3.34 -0.59
CA ILE B 174 -9.34 2.16 -0.58
C ILE B 174 -8.51 2.20 0.70
N THR B 175 -8.83 1.33 1.66
CA THR B 175 -8.10 1.27 2.96
C THR B 175 -6.76 0.53 2.80
N SER B 176 -6.71 -0.47 1.92
CA SER B 176 -5.46 -1.26 1.73
C SER B 176 -5.41 -1.82 0.34
N GLY B 177 -4.21 -2.17 -0.13
CA GLY B 177 -4.05 -2.75 -1.47
C GLY B 177 -2.63 -2.71 -2.01
N VAL B 178 -2.43 -3.24 -3.22
CA VAL B 178 -1.09 -3.30 -3.89
C VAL B 178 -1.19 -2.84 -5.34
N GLY B 179 -0.17 -2.13 -5.82
CA GLY B 179 -0.04 -1.78 -7.25
C GLY B 179 -0.91 -0.61 -7.66
N LEU B 180 -1.78 -0.16 -6.76
CA LEU B 180 -2.67 1.02 -6.97
C LEU B 180 -1.92 2.10 -7.74
N GLY B 181 -2.37 2.34 -8.97
N GLY B 181 -2.37 2.34 -8.97
CA GLY B 181 -1.81 3.38 -9.87
CA GLY B 181 -1.81 3.38 -9.87
C GLY B 181 -2.75 4.56 -9.99
C GLY B 181 -2.76 4.56 -9.98
N GLN B 182 -3.24 4.84 -11.19
CA GLN B 182 -4.12 6.02 -11.43
C GLN B 182 -5.55 5.55 -11.57
N GLY B 183 -6.41 5.90 -10.64
CA GLY B 183 -7.84 5.53 -10.81
C GLY B 183 -8.44 6.37 -11.92
N ARG B 184 -9.32 5.83 -12.77
CA ARG B 184 -9.90 6.65 -13.87
C ARG B 184 -11.41 6.65 -13.80
N VAL B 185 -12.01 7.86 -13.75
CA VAL B 185 -13.48 8.06 -13.77
C VAL B 185 -13.89 8.59 -15.15
N TYR B 186 -14.29 7.69 -16.05
CA TYR B 186 -14.60 8.05 -17.46
C TYR B 186 -15.68 9.11 -17.51
N SER B 187 -15.46 10.06 -18.40
CA SER B 187 -16.34 11.22 -18.72
C SER B 187 -17.08 10.87 -20.00
N ARG B 188 -17.63 11.84 -20.72
CA ARG B 188 -18.41 11.61 -21.97
C ARG B 188 -17.52 10.82 -22.96
N GLU B 189 -18.14 9.89 -23.68
CA GLU B 189 -17.53 9.09 -24.76
C GLU B 189 -17.55 9.91 -26.02
N ILE B 190 -16.49 10.67 -26.28
CA ILE B 190 -16.50 11.61 -27.44
C ILE B 190 -16.56 10.84 -28.75
N PHE B 191 -15.84 9.74 -28.91
CA PHE B 191 -15.85 9.04 -30.22
C PHE B 191 -15.97 7.53 -30.09
N THR B 192 -17.01 6.97 -30.71
CA THR B 192 -17.21 5.50 -30.81
C THR B 192 -17.65 5.14 -32.22
N GLN B 193 -16.95 4.23 -32.89
CA GLN B 193 -17.37 3.88 -34.27
C GLN B 193 -16.73 2.55 -34.66
N ILE B 194 -17.26 1.90 -35.72
CA ILE B 194 -16.65 0.65 -36.27
C ILE B 194 -15.87 0.98 -37.53
N LEU B 195 -14.54 0.92 -37.48
CA LEU B 195 -13.73 1.31 -38.65
C LEU B 195 -14.10 0.42 -39.83
N ALA B 196 -14.31 1.01 -41.02
CA ALA B 196 -14.69 0.24 -42.23
C ALA B 196 -13.45 -0.07 -43.08
N SER B 197 -12.27 0.44 -42.73
CA SER B 197 -11.05 0.24 -43.57
C SER B 197 -9.82 0.41 -42.69
N GLU B 198 -8.64 0.03 -43.21
CA GLU B 198 -7.38 0.22 -42.44
C GLU B 198 -7.31 1.71 -42.09
N THR B 199 -7.18 2.03 -40.82
CA THR B 199 -7.23 3.42 -40.33
C THR B 199 -6.03 3.71 -39.46
N SER B 200 -5.33 4.81 -39.71
CA SER B 200 -4.13 5.19 -38.92
C SER B 200 -4.43 6.49 -38.14
N ALA B 201 -5.51 7.19 -38.49
CA ALA B 201 -5.85 8.48 -37.86
C ALA B 201 -7.36 8.68 -37.78
N VAL B 202 -7.83 9.47 -36.82
CA VAL B 202 -9.28 9.76 -36.71
C VAL B 202 -9.49 11.18 -36.25
N THR B 203 -10.54 11.81 -36.74
CA THR B 203 -10.87 13.21 -36.38
C THR B 203 -11.91 13.21 -35.27
N LEU B 204 -11.70 14.00 -34.23
CA LEU B 204 -12.66 14.02 -33.10
C LEU B 204 -13.46 15.33 -33.11
N ASN B 205 -14.71 15.26 -32.69
CA ASN B 205 -15.63 16.45 -32.71
C ASN B 205 -14.98 17.55 -31.89
N THR B 206 -14.44 17.19 -30.72
CA THR B 206 -13.81 18.11 -29.75
C THR B 206 -12.46 17.53 -29.32
N PRO B 207 -11.41 18.37 -29.18
CA PRO B 207 -10.09 17.90 -28.78
C PRO B 207 -10.13 17.36 -27.35
N PRO B 208 -9.34 16.32 -27.03
CA PRO B 208 -9.36 15.70 -25.72
C PRO B 208 -8.19 15.99 -24.78
N THR B 209 -8.50 16.48 -23.59
CA THR B 209 -7.52 16.83 -22.54
C THR B 209 -6.72 15.57 -22.17
N ILE B 210 -7.45 14.49 -21.96
CA ILE B 210 -6.88 13.17 -21.53
C ILE B 210 -7.93 12.08 -21.78
N VAL B 211 -7.52 10.97 -22.38
CA VAL B 211 -8.45 9.90 -22.82
C VAL B 211 -7.79 8.55 -22.71
N ASP B 212 -8.65 7.54 -22.76
CA ASP B 212 -8.31 6.10 -22.85
C ASP B 212 -8.83 5.61 -24.21
N VAL B 213 -8.09 4.74 -24.87
CA VAL B 213 -8.58 4.27 -26.20
C VAL B 213 -8.85 2.77 -26.15
N TYR B 214 -10.00 2.34 -26.64
CA TYR B 214 -10.36 0.90 -26.63
C TYR B 214 -10.57 0.43 -28.06
N ALA B 215 -9.83 -0.59 -28.46
CA ALA B 215 -9.98 -1.20 -29.79
C ALA B 215 -10.46 -2.64 -29.63
N ASP B 216 -11.65 -2.94 -30.18
CA ASP B 216 -12.27 -4.29 -30.12
C ASP B 216 -12.35 -4.73 -28.66
N GLY B 217 -12.76 -3.80 -27.79
CA GLY B 217 -13.04 -4.13 -26.38
C GLY B 217 -11.79 -4.29 -25.52
N LYS B 218 -10.59 -4.10 -26.09
CA LYS B 218 -9.30 -4.20 -25.36
C LYS B 218 -8.73 -2.79 -25.20
N ARG B 219 -8.34 -2.41 -23.98
CA ARG B 219 -7.75 -1.07 -23.75
C ARG B 219 -6.45 -0.99 -24.56
N LEU B 220 -6.19 0.16 -25.19
CA LEU B 220 -4.94 0.34 -25.97
C LEU B 220 -3.86 0.91 -25.07
N ALA B 221 -2.64 0.44 -25.27
CA ALA B 221 -1.45 0.94 -24.57
C ALA B 221 -1.26 2.42 -24.92
N GLU B 222 -0.88 3.23 -23.92
CA GLU B 222 -0.76 4.71 -23.98
C GLU B 222 0.26 5.01 -25.09
N SER B 223 1.33 4.24 -25.19
CA SER B 223 2.40 4.46 -26.20
C SER B 223 1.83 4.32 -27.61
N LYS B 224 0.98 3.29 -27.83
CA LYS B 224 0.49 2.86 -29.16
C LYS B 224 -0.27 4.00 -29.86
N TYR B 225 -1.05 4.79 -29.11
CA TYR B 225 -1.82 5.91 -29.70
C TYR B 225 -1.10 7.23 -29.43
N SER B 226 -0.99 8.05 -30.48
CA SER B 226 -0.35 9.39 -30.45
C SER B 226 -1.45 10.39 -30.75
N LEU B 227 -1.57 11.49 -30.01
CA LEU B 227 -2.67 12.42 -30.37
C LEU B 227 -2.12 13.84 -30.50
N ASP B 228 -2.60 14.61 -31.48
CA ASP B 228 -2.19 16.03 -31.61
C ASP B 228 -3.34 16.88 -31.10
N GLY B 229 -3.64 18.00 -31.76
CA GLY B 229 -4.65 18.95 -31.28
C GLY B 229 -5.97 18.25 -31.03
N ASN B 230 -6.54 17.66 -32.08
CA ASN B 230 -7.88 16.99 -31.95
C ASN B 230 -7.92 15.77 -32.87
N VAL B 231 -6.75 15.24 -33.20
CA VAL B 231 -6.63 14.08 -34.12
C VAL B 231 -5.86 12.99 -33.39
N ILE B 232 -6.40 11.77 -33.37
CA ILE B 232 -5.70 10.62 -32.75
C ILE B 232 -4.96 9.92 -33.88
N THR B 233 -3.67 9.64 -33.70
CA THR B 233 -2.85 8.93 -34.72
C THR B 233 -2.42 7.58 -34.15
N PHE B 234 -2.68 6.51 -34.89
CA PHE B 234 -2.37 5.15 -34.40
C PHE B 234 -1.22 4.56 -35.18
N SER B 235 -0.16 4.24 -34.45
CA SER B 235 1.00 3.46 -34.93
C SER B 235 1.05 2.17 -34.10
N PRO B 236 0.85 0.97 -34.69
CA PRO B 236 0.48 0.84 -36.11
C PRO B 236 -0.99 1.18 -36.41
N SER B 237 -1.32 1.25 -37.71
CA SER B 237 -2.68 1.53 -38.23
C SER B 237 -3.63 0.46 -37.70
N LEU B 238 -4.83 0.85 -37.29
CA LEU B 238 -5.87 -0.09 -36.81
C LEU B 238 -6.42 -0.87 -37.99
N PRO B 239 -6.65 -2.19 -37.86
CA PRO B 239 -7.27 -2.96 -38.93
C PRO B 239 -8.76 -2.63 -39.10
N ALA B 240 -9.31 -2.92 -40.27
CA ALA B 240 -10.72 -2.62 -40.60
C ALA B 240 -11.66 -3.53 -39.80
N SER B 241 -12.90 -3.08 -39.64
CA SER B 241 -13.97 -3.76 -38.87
C SER B 241 -13.49 -3.93 -37.41
N THR B 242 -12.86 -2.89 -36.89
CA THR B 242 -12.33 -2.87 -35.51
C THR B 242 -13.24 -1.99 -34.66
N GLU B 243 -13.80 -2.48 -33.56
CA GLU B 243 -14.65 -1.61 -32.71
C GLU B 243 -13.72 -0.59 -32.07
N LEU B 244 -14.04 0.71 -32.16
CA LEU B 244 -13.15 1.75 -31.58
C LEU B 244 -13.96 2.70 -30.71
N GLN B 245 -13.54 2.89 -29.47
CA GLN B 245 -14.19 3.85 -28.54
C GLN B 245 -13.11 4.75 -27.92
N VAL B 246 -13.38 6.04 -27.82
CA VAL B 246 -12.43 6.99 -27.21
C VAL B 246 -13.15 7.69 -26.05
N ILE B 247 -12.63 7.56 -24.82
CA ILE B 247 -13.36 8.14 -23.66
C ILE B 247 -12.48 9.07 -22.84
N GLU B 248 -12.96 10.29 -22.61
CA GLU B 248 -12.26 11.27 -21.74
C GLU B 248 -12.40 10.74 -20.33
N TYR B 249 -11.37 10.86 -19.49
CA TYR B 249 -11.52 10.42 -18.07
C TYR B 249 -10.87 11.42 -17.13
N THR B 250 -11.46 11.58 -15.96
CA THR B 250 -10.88 12.44 -14.89
C THR B 250 -10.03 11.54 -14.00
N PRO B 251 -8.69 11.66 -13.99
CA PRO B 251 -7.87 10.71 -13.23
C PRO B 251 -8.03 11.01 -11.74
N ILE B 252 -8.00 9.94 -10.92
CA ILE B 252 -8.01 10.01 -9.44
C ILE B 252 -6.76 9.27 -8.98
N GLN B 253 -5.92 9.92 -8.19
CA GLN B 253 -4.59 9.36 -7.84
C GLN B 253 -4.62 8.95 -6.36
N LEU B 254 -3.89 7.88 -6.04
CA LEU B 254 -3.81 7.35 -4.65
C LEU B 254 -2.45 6.68 -4.39
N GLY B 255 -2.12 5.61 -5.11
CA GLY B 255 -0.92 4.79 -4.84
C GLY B 255 0.41 5.50 -4.91
N ASN B 256 0.61 6.36 -5.91
CA ASN B 256 1.89 7.12 -6.06
C ASN B 256 2.07 8.06 -4.86
N GLY B 257 3.31 8.21 -4.40
CA GLY B 257 3.64 9.11 -3.27
C GLY B 257 4.97 9.83 -3.50
N GLY B 261 4.28 16.91 -8.36
CA GLY B 261 5.28 15.83 -8.41
C GLY B 261 6.68 16.32 -8.02
N SER B 262 7.47 15.44 -7.41
CA SER B 262 8.84 15.78 -6.96
C SER B 262 9.80 14.60 -7.16
N SER B 263 11.08 14.89 -7.37
CA SER B 263 12.16 13.86 -7.50
C SER B 263 13.56 14.48 -7.46
N THR B 264 13.72 15.75 -7.89
CA THR B 264 15.04 16.42 -7.97
C THR B 264 15.06 17.68 -7.08
N ILE B 265 16.02 18.59 -7.32
CA ILE B 265 16.17 19.83 -6.50
C ILE B 265 16.96 20.89 -7.28
N THR B 266 16.92 22.13 -6.77
CA THR B 266 17.56 23.33 -7.38
C THR B 266 18.52 23.94 -6.35
N TRP B 267 19.82 23.61 -6.45
CA TRP B 267 20.89 24.13 -5.57
C TRP B 267 21.83 25.03 -6.39
N VAL B 268 22.85 25.61 -5.75
CA VAL B 268 23.93 26.39 -6.43
C VAL B 268 25.25 26.28 -5.64
N TYR B 269 26.40 26.34 -6.32
CA TYR B 269 27.75 26.38 -5.70
C TYR B 269 28.30 27.83 -5.68
N ASN B 270 28.85 28.24 -4.52
CA ASN B 270 29.67 29.48 -4.30
C ASN B 270 28.78 30.71 -4.54
N GLY B 271 27.47 30.59 -4.27
CA GLY B 271 26.46 31.65 -4.46
C GLY B 271 25.89 31.70 -5.88
N GLY B 272 26.74 31.41 -6.87
CA GLY B 272 26.42 31.39 -8.31
C GLY B 272 27.60 31.86 -9.14
N SER B 273 28.77 31.96 -8.51
CA SER B 273 30.05 32.42 -9.10
C SER B 273 31.04 31.25 -9.13
N ALA B 274 32.16 31.41 -9.82
CA ALA B 274 33.19 30.34 -9.91
C ALA B 274 34.49 30.78 -9.22
N ILE B 275 34.80 30.10 -8.10
CA ILE B 275 36.04 30.40 -7.33
C ILE B 275 37.23 30.39 -8.31
N GLY B 276 37.28 29.38 -9.19
CA GLY B 276 38.34 29.18 -10.20
C GLY B 276 39.46 28.30 -9.68
N GLY B 277 39.89 27.33 -10.47
CA GLY B 277 40.96 26.39 -10.09
C GLY B 277 40.51 25.40 -9.03
N GLU B 278 39.30 24.87 -9.19
CA GLU B 278 38.69 23.89 -8.25
C GLU B 278 38.03 22.76 -9.06
N THR B 279 38.48 21.53 -8.86
CA THR B 279 37.92 20.34 -9.54
C THR B 279 37.06 19.53 -8.55
N GLU B 280 37.28 19.72 -7.25
CA GLU B 280 36.53 19.00 -6.18
C GLU B 280 35.67 19.99 -5.38
N ILE B 281 34.35 19.99 -5.62
CA ILE B 281 33.41 20.87 -4.86
C ILE B 281 32.70 20.00 -3.83
N THR B 282 32.70 20.41 -2.56
CA THR B 282 32.03 19.65 -1.46
C THR B 282 30.60 20.17 -1.26
N LEU B 283 29.64 19.25 -1.05
CA LEU B 283 28.20 19.55 -0.79
C LEU B 283 27.95 19.47 0.72
N ASP B 284 26.91 20.15 1.21
CA ASP B 284 26.66 20.45 2.65
C ASP B 284 25.79 19.35 3.27
N ILE B 285 24.76 18.90 2.55
CA ILE B 285 23.85 17.79 2.97
C ILE B 285 24.21 16.52 2.20
N VAL B 286 24.20 15.35 2.87
CA VAL B 286 24.52 14.03 2.26
C VAL B 286 23.29 13.56 1.47
N VAL B 287 23.45 13.25 0.17
CA VAL B 287 22.36 12.95 -0.81
C VAL B 287 22.59 11.59 -1.50
N ASP B 288 21.50 10.93 -1.92
CA ASP B 288 21.49 9.51 -2.41
C ASP B 288 21.88 9.41 -3.89
N ASP B 289 21.75 10.49 -4.67
CA ASP B 289 22.19 10.53 -6.10
C ASP B 289 22.55 11.97 -6.53
N VAL B 290 23.70 12.13 -7.17
CA VAL B 290 24.17 13.43 -7.76
C VAL B 290 24.58 13.20 -9.21
N PRO B 291 23.63 12.83 -10.10
CA PRO B 291 23.97 12.16 -11.36
C PRO B 291 24.70 13.08 -12.37
N ALA B 292 24.49 14.38 -12.20
CA ALA B 292 25.01 15.43 -13.12
C ALA B 292 24.94 16.82 -12.46
N ILE B 293 25.75 17.77 -12.96
CA ILE B 293 25.80 19.19 -12.50
C ILE B 293 25.59 20.10 -13.71
N ASP B 294 24.95 21.25 -13.49
CA ASP B 294 24.75 22.33 -14.51
C ASP B 294 25.86 23.39 -14.39
N ILE B 295 26.59 23.65 -15.49
CA ILE B 295 27.72 24.64 -15.56
C ILE B 295 27.39 25.75 -16.58
N ASN B 296 26.58 26.74 -16.16
CA ASN B 296 26.28 28.01 -16.89
C ASN B 296 24.93 27.88 -17.63
N GLY B 297 24.56 26.65 -18.02
CA GLY B 297 23.24 26.32 -18.58
C GLY B 297 23.18 24.91 -19.14
N SER B 298 24.22 24.46 -19.85
CA SER B 298 24.43 23.07 -20.33
C SER B 298 24.56 22.12 -19.14
N ARG B 299 24.55 20.81 -19.38
CA ARG B 299 24.47 19.75 -18.33
C ARG B 299 25.70 18.84 -18.47
N GLN B 300 26.39 18.54 -17.35
CA GLN B 300 27.62 17.69 -17.35
C GLN B 300 27.40 16.44 -16.50
N TYR B 301 27.30 15.27 -17.14
CA TYR B 301 26.85 13.98 -16.52
C TYR B 301 28.02 13.28 -15.78
N LYS B 302 27.69 12.36 -14.86
CA LYS B 302 28.70 11.60 -14.05
C LYS B 302 29.59 10.78 -15.00
N ASN B 303 30.89 10.70 -14.69
CA ASN B 303 31.91 9.95 -15.50
C ASN B 303 31.95 10.54 -16.92
N LEU B 304 31.83 11.85 -17.00
CA LEU B 304 31.81 12.58 -18.29
C LEU B 304 31.99 14.07 -17.99
N GLY B 305 31.52 14.50 -16.83
CA GLY B 305 31.64 15.87 -16.32
C GLY B 305 32.44 15.87 -15.04
N PHE B 306 32.28 14.83 -14.21
CA PHE B 306 32.95 14.69 -12.90
C PHE B 306 32.72 13.28 -12.33
N THR B 307 32.88 13.17 -10.99
CA THR B 307 32.65 11.96 -10.17
C THR B 307 32.25 12.43 -8.76
N PHE B 308 31.73 11.52 -7.94
CA PHE B 308 31.22 11.83 -6.57
C PHE B 308 31.03 10.55 -5.72
N ASP B 309 31.10 10.72 -4.39
CA ASP B 309 30.86 9.67 -3.36
C ASP B 309 29.82 10.15 -2.35
N PRO B 310 28.66 9.46 -2.19
CA PRO B 310 27.54 9.93 -1.36
C PRO B 310 27.65 9.84 0.16
N LEU B 311 28.84 9.53 0.69
CA LEU B 311 29.18 9.59 2.14
C LEU B 311 30.05 10.83 2.37
N THR B 312 31.09 11.01 1.55
CA THR B 312 31.91 12.26 1.37
C THR B 312 30.96 13.43 1.11
N SER B 313 30.08 13.21 0.12
CA SER B 313 29.22 14.22 -0.57
C SER B 313 30.13 15.27 -1.23
N LYS B 314 31.21 14.81 -1.90
CA LYS B 314 32.23 15.66 -2.59
C LYS B 314 32.28 15.32 -4.09
N ILE B 315 31.70 16.20 -4.93
CA ILE B 315 31.76 16.10 -6.42
C ILE B 315 33.20 16.41 -6.88
N THR B 316 33.77 15.57 -7.74
CA THR B 316 35.17 15.68 -8.26
C THR B 316 35.17 15.80 -9.79
N LEU B 317 35.46 17.00 -10.32
CA LEU B 317 35.32 17.39 -11.75
C LEU B 317 36.61 17.09 -12.55
N ALA B 318 36.45 16.72 -13.83
CA ALA B 318 37.50 16.17 -14.73
C ALA B 318 38.20 17.29 -15.51
N GLN B 319 38.00 18.56 -15.12
CA GLN B 319 38.65 19.75 -15.75
C GLN B 319 38.83 20.82 -14.67
N GLU B 320 39.96 21.55 -14.71
CA GLU B 320 40.30 22.63 -13.73
C GLU B 320 39.36 23.83 -13.97
N LEU B 321 38.41 24.07 -13.06
CA LEU B 321 37.34 25.10 -13.23
C LEU B 321 37.94 26.51 -13.39
N ASP B 322 37.09 27.53 -13.63
CA ASP B 322 37.54 28.93 -13.87
C ASP B 322 36.54 29.90 -13.22
N ALA B 323 36.75 31.21 -13.36
CA ALA B 323 36.01 32.29 -12.65
C ALA B 323 34.67 32.60 -13.33
N GLU B 324 33.59 32.56 -12.55
CA GLU B 324 32.18 32.95 -12.89
C GLU B 324 31.44 31.84 -13.64
N ASP B 325 31.93 30.59 -13.61
CA ASP B 325 31.14 29.40 -14.07
C ASP B 325 29.91 29.26 -13.16
N GLU B 326 28.68 29.47 -13.66
CA GLU B 326 27.42 29.32 -12.87
C GLU B 326 27.18 27.84 -12.47
N VAL B 327 28.03 27.29 -11.59
CA VAL B 327 27.93 25.89 -11.10
C VAL B 327 26.63 25.76 -10.29
N VAL B 328 25.73 24.87 -10.72
CA VAL B 328 24.42 24.59 -10.05
C VAL B 328 24.19 23.08 -10.02
N VAL B 329 24.33 22.44 -8.84
CA VAL B 329 24.39 20.96 -8.66
C VAL B 329 22.97 20.42 -8.48
N ILE B 330 22.56 19.44 -9.29
CA ILE B 330 21.20 18.85 -9.27
C ILE B 330 21.11 17.87 -8.10
N ILE B 331 19.98 17.86 -7.39
CA ILE B 331 19.73 16.93 -6.26
C ILE B 331 18.88 15.77 -6.77
N ASN B 332 19.52 14.71 -7.26
CA ASN B 332 18.78 13.52 -7.75
C ASN B 332 18.59 12.56 -6.58
N GLY B 333 18.06 13.06 -5.46
CA GLY B 333 17.81 12.20 -4.29
C GLY B 333 16.59 11.30 -4.54
N THR B 334 15.53 11.89 -5.08
CA THR B 334 14.28 11.12 -5.38
C THR B 334 13.85 10.33 -4.14
N MSE C 1 -18.24 -45.04 34.25
CA MSE C 1 -18.09 -46.09 33.17
C MSE C 1 -17.84 -47.47 33.77
O MSE C 1 -17.25 -48.33 33.10
CB MSE C 1 -16.94 -45.69 32.23
CG MSE C 1 -15.56 -45.75 32.85
SE MSE C 1 -14.24 -45.37 31.44
CE MSE C 1 -13.92 -47.05 30.49
N ALA C 2 -18.28 -47.68 35.01
CA ALA C 2 -18.08 -48.94 35.73
C ALA C 2 -19.00 -49.00 36.95
N ASN C 3 -19.16 -50.20 37.52
CA ASN C 3 -20.04 -50.53 38.69
C ASN C 3 -21.46 -50.01 38.40
N LYS C 4 -22.11 -49.25 39.30
CA LYS C 4 -23.54 -48.85 39.20
C LYS C 4 -23.69 -47.32 39.25
N PRO C 5 -24.90 -46.74 38.98
CA PRO C 5 -25.06 -45.30 38.74
C PRO C 5 -24.96 -44.26 39.88
N THR C 6 -24.28 -43.15 39.57
CA THR C 6 -23.85 -42.09 40.51
C THR C 6 -24.92 -40.99 40.59
N GLN C 7 -25.59 -40.71 39.47
CA GLN C 7 -26.53 -39.56 39.34
C GLN C 7 -27.81 -39.97 38.62
N PRO C 8 -28.93 -39.27 38.86
CA PRO C 8 -30.22 -39.69 38.32
C PRO C 8 -30.33 -39.51 36.80
N LEU C 9 -30.75 -40.60 36.15
CA LEU C 9 -30.93 -40.73 34.68
C LEU C 9 -32.26 -40.08 34.31
N PHE C 10 -32.37 -39.48 33.11
CA PHE C 10 -33.62 -38.95 32.50
C PHE C 10 -33.75 -39.41 31.06
N PRO C 11 -34.03 -40.69 30.84
CA PRO C 11 -33.90 -41.29 29.51
C PRO C 11 -34.79 -40.53 28.54
N MSE C 12 -36.00 -40.16 28.98
CA MSE C 12 -36.88 -39.49 27.99
C MSE C 12 -36.36 -38.07 27.71
O MSE C 12 -36.68 -37.55 26.64
CB MSE C 12 -38.35 -39.50 28.42
CG MSE C 12 -38.91 -40.89 28.48
SE MSE C 12 -38.84 -41.63 26.67
CE MSE C 12 -37.35 -42.88 26.51
N GLY C 13 -35.61 -37.49 28.63
CA GLY C 13 -35.10 -36.14 28.40
C GLY C 13 -35.79 -35.21 29.36
N LEU C 14 -35.62 -33.90 29.27
CA LEU C 14 -36.34 -33.03 30.24
C LEU C 14 -36.52 -31.61 29.69
N GLU C 15 -37.64 -31.00 30.06
CA GLU C 15 -38.05 -29.63 29.62
C GLU C 15 -38.08 -28.69 30.83
N THR C 16 -37.64 -27.46 30.65
CA THR C 16 -37.63 -26.43 31.73
C THR C 16 -38.41 -25.20 31.29
N SER C 17 -39.07 -24.52 32.22
CA SER C 17 -39.83 -23.28 31.91
C SER C 17 -39.13 -21.99 32.45
N GLU C 18 -37.99 -22.12 33.12
CA GLU C 18 -37.28 -20.97 33.72
C GLU C 18 -35.79 -21.23 33.69
N SER C 19 -35.00 -20.24 34.08
CA SER C 19 -33.52 -20.41 34.10
C SER C 19 -33.20 -21.50 35.10
N SER C 20 -32.23 -22.32 34.76
CA SER C 20 -31.64 -23.33 35.66
C SER C 20 -30.29 -22.82 36.15
N ASN C 21 -29.75 -23.48 37.17
CA ASN C 21 -28.47 -23.08 37.79
C ASN C 21 -27.52 -24.27 37.82
N ILE C 22 -26.73 -24.39 36.76
CA ILE C 22 -26.01 -25.67 36.51
C ILE C 22 -24.51 -25.52 36.75
N LYS C 23 -23.95 -26.36 37.63
CA LYS C 23 -22.48 -26.44 37.76
C LYS C 23 -22.01 -27.25 36.56
N GLY C 24 -22.03 -26.61 35.38
CA GLY C 24 -21.39 -27.11 34.15
C GLY C 24 -21.83 -28.50 33.75
N PHE C 25 -21.58 -28.90 32.51
CA PHE C 25 -22.07 -30.19 31.99
C PHE C 25 -21.19 -30.69 30.86
N ASN C 26 -21.49 -31.90 30.41
CA ASN C 26 -20.75 -32.52 29.29
C ASN C 26 -21.75 -32.91 28.25
N ASN C 27 -21.78 -32.16 27.15
CA ASN C 27 -22.71 -32.39 26.02
C ASN C 27 -22.21 -33.61 25.27
N SER C 28 -23.07 -34.62 25.08
CA SER C 28 -22.85 -35.77 24.17
C SER C 28 -23.85 -35.71 23.01
N GLY C 29 -24.51 -34.58 22.84
CA GLY C 29 -25.49 -34.35 21.75
C GLY C 29 -25.37 -32.96 21.10
N THR C 30 -26.46 -32.49 20.50
CA THR C 30 -26.49 -31.19 19.79
C THR C 30 -27.05 -30.13 20.72
N MSE C 31 -26.44 -28.93 20.69
CA MSE C 31 -26.99 -27.72 21.30
C MSE C 31 -27.70 -26.88 20.25
O MSE C 31 -27.12 -26.38 19.31
CB MSE C 31 -25.90 -26.85 21.91
CG MSE C 31 -25.12 -27.50 23.01
SE MSE C 31 -24.32 -26.16 24.20
CE MSE C 31 -22.59 -27.02 24.39
N GLU C 32 -29.02 -26.76 20.46
CA GLU C 32 -29.88 -26.01 19.59
C GLU C 32 -30.27 -24.75 20.36
N HIS C 33 -30.91 -23.82 19.68
CA HIS C 33 -31.49 -22.56 20.22
C HIS C 33 -32.78 -22.25 19.50
N SER C 34 -33.93 -22.36 20.14
CA SER C 34 -35.20 -21.87 19.54
C SER C 34 -35.06 -20.37 19.28
N PRO C 35 -35.98 -19.73 18.52
CA PRO C 35 -36.08 -18.28 18.49
C PRO C 35 -36.07 -17.50 19.82
N GLY C 36 -35.34 -16.38 19.83
CA GLY C 36 -35.27 -15.45 20.97
C GLY C 36 -34.26 -15.89 21.99
N ALA C 37 -33.69 -17.07 21.79
CA ALA C 37 -32.59 -17.61 22.62
C ALA C 37 -31.49 -16.57 22.65
N VAL C 38 -30.53 -16.74 23.55
CA VAL C 38 -29.42 -15.76 23.76
C VAL C 38 -28.25 -16.49 24.40
N MSE C 39 -27.04 -16.27 23.91
CA MSE C 39 -25.90 -17.02 24.43
C MSE C 39 -24.74 -16.09 24.61
O MSE C 39 -24.47 -15.26 23.74
CB MSE C 39 -25.54 -18.17 23.46
CG MSE C 39 -24.17 -18.80 23.69
SE MSE C 39 -23.96 -20.29 22.42
CE MSE C 39 -22.17 -20.94 22.82
N THR C 40 -24.07 -16.25 25.77
CA THR C 40 -22.93 -15.45 26.13
C THR C 40 -21.69 -16.32 26.26
N PHE C 41 -20.54 -15.71 26.37
CA PHE C 41 -19.33 -16.43 26.82
C PHE C 41 -19.02 -15.99 28.26
N PRO C 42 -18.35 -16.84 29.04
CA PRO C 42 -17.86 -16.41 30.34
C PRO C 42 -16.84 -15.26 30.20
N GLU C 43 -17.04 -14.16 30.92
CA GLU C 43 -15.94 -13.18 31.11
C GLU C 43 -14.75 -13.92 31.74
N ASP C 44 -13.53 -13.42 31.58
CA ASP C 44 -12.29 -14.11 32.06
C ASP C 44 -11.05 -13.44 31.46
N THR C 45 -9.97 -13.42 32.23
CA THR C 45 -8.76 -12.55 31.99
C THR C 45 -7.48 -13.28 32.41
N GLU C 46 -7.55 -14.62 32.48
CA GLU C 46 -6.43 -15.42 33.07
C GLU C 46 -5.46 -15.81 31.96
N VAL C 47 -4.16 -15.82 32.28
CA VAL C 47 -3.15 -16.27 31.27
C VAL C 47 -3.39 -17.76 30.98
N THR C 48 -3.77 -18.53 32.00
CA THR C 48 -3.80 -20.01 31.93
C THR C 48 -5.10 -20.43 31.28
N GLY C 49 -5.08 -21.55 30.55
CA GLY C 49 -6.31 -22.04 29.91
C GLY C 49 -6.18 -23.48 29.45
N LEU C 50 -7.32 -24.11 29.22
CA LEU C 50 -7.40 -25.34 28.40
C LEU C 50 -7.60 -24.96 26.93
N PRO C 51 -6.88 -25.59 25.98
CA PRO C 51 -7.16 -25.38 24.58
C PRO C 51 -8.59 -25.89 24.37
N SER C 52 -9.30 -25.34 23.39
CA SER C 52 -10.73 -25.66 23.11
C SER C 52 -11.63 -24.63 23.79
N SER C 53 -11.11 -24.00 24.85
CA SER C 53 -11.82 -23.01 25.72
C SER C 53 -12.12 -21.69 24.98
N VAL C 54 -13.13 -20.98 25.44
CA VAL C 54 -13.63 -19.72 24.80
C VAL C 54 -14.01 -18.71 25.91
N ARG C 55 -13.78 -17.43 25.65
CA ARG C 55 -14.05 -16.43 26.69
C ARG C 55 -14.35 -15.08 26.11
N TYR C 56 -14.90 -14.23 26.94
CA TYR C 56 -15.05 -12.79 26.64
C TYR C 56 -14.18 -11.94 27.56
N ASN C 57 -13.32 -11.14 26.99
CA ASN C 57 -12.37 -10.33 27.78
C ASN C 57 -13.04 -8.98 28.01
N PRO C 58 -13.60 -8.70 29.20
CA PRO C 58 -14.21 -7.40 29.45
C PRO C 58 -13.16 -6.32 29.65
N ASP C 59 -11.89 -6.71 29.78
CA ASP C 59 -10.74 -5.77 29.71
C ASP C 59 -10.62 -5.33 28.25
N SER C 60 -10.24 -6.27 27.36
CA SER C 60 -9.99 -6.10 25.90
C SER C 60 -11.26 -5.81 25.09
N ASP C 61 -12.44 -6.08 25.64
CA ASP C 61 -13.72 -6.13 24.87
C ASP C 61 -13.42 -6.87 23.56
N GLU C 62 -13.13 -8.17 23.63
CA GLU C 62 -12.57 -8.95 22.49
C GLU C 62 -12.74 -10.45 22.73
N PHE C 63 -13.28 -11.21 21.79
CA PHE C 63 -13.65 -12.64 22.03
C PHE C 63 -12.42 -13.52 21.78
N GLU C 64 -11.95 -14.21 22.80
CA GLU C 64 -10.69 -14.97 22.74
C GLU C 64 -10.98 -16.48 22.79
N GLY C 65 -10.01 -17.29 22.34
CA GLY C 65 -9.98 -18.77 22.49
C GLY C 65 -8.59 -19.21 22.90
N TYR C 66 -8.47 -20.03 23.95
CA TYR C 66 -7.16 -20.65 24.31
C TYR C 66 -6.78 -21.59 23.16
N TYR C 67 -5.51 -21.57 22.76
CA TYR C 67 -4.98 -22.26 21.56
C TYR C 67 -3.82 -23.14 21.99
N GLU C 68 -3.67 -24.32 21.40
CA GLU C 68 -2.65 -25.35 21.82
C GLU C 68 -1.28 -24.70 22.13
N ASN C 69 -0.89 -23.60 21.46
CA ASN C 69 0.47 -23.01 21.66
C ASN C 69 0.44 -21.48 21.87
N GLY C 70 -0.52 -20.78 21.25
CA GLY C 70 -0.60 -19.31 21.34
C GLY C 70 -1.26 -18.88 22.64
N GLY C 71 -1.83 -19.84 23.34
CA GLY C 71 -2.65 -19.51 24.52
C GLY C 71 -3.88 -18.73 24.11
N TRP C 72 -4.26 -17.72 24.91
CA TRP C 72 -5.48 -16.95 24.61
C TRP C 72 -5.18 -15.94 23.52
N LEU C 73 -6.18 -15.65 22.68
CA LEU C 73 -6.04 -15.02 21.34
C LEU C 73 -7.39 -14.72 20.72
N SER C 74 -7.51 -13.61 20.00
CA SER C 74 -8.76 -13.30 19.26
C SER C 74 -9.22 -14.55 18.52
N LEU C 75 -10.51 -14.84 18.58
CA LEU C 75 -11.15 -15.98 17.87
C LEU C 75 -11.08 -15.85 16.35
N GLY C 76 -10.79 -16.99 15.68
CA GLY C 76 -10.58 -17.18 14.24
C GLY C 76 -9.79 -16.04 13.61
N GLY C 77 -8.95 -15.36 14.40
CA GLY C 77 -8.07 -14.28 13.91
C GLY C 77 -8.55 -12.86 14.21
N GLY C 78 -7.71 -11.86 13.95
CA GLY C 78 -8.00 -10.45 14.21
C GLY C 78 -7.99 -9.64 12.93
N GLY C 79 -9.09 -8.96 12.64
CA GLY C 79 -9.17 -7.97 11.54
C GLY C 79 -9.27 -6.53 12.04
N ILE C 80 -10.06 -5.73 11.34
CA ILE C 80 -10.11 -4.24 11.46
C ILE C 80 -11.51 -3.85 11.94
N ARG C 81 -11.57 -3.49 13.21
CA ARG C 81 -12.79 -2.91 13.80
C ARG C 81 -12.72 -1.44 13.38
N TRP C 82 -13.45 -1.05 12.31
CA TRP C 82 -13.35 0.32 11.72
C TRP C 82 -14.18 1.26 12.56
N GLU C 83 -13.70 2.48 12.77
CA GLU C 83 -14.44 3.46 13.59
C GLU C 83 -13.99 4.86 13.16
N THR C 84 -14.96 5.72 12.88
CA THR C 84 -14.70 7.15 12.58
C THR C 84 -14.24 7.85 13.86
N LEU C 85 -13.29 8.74 13.72
CA LEU C 85 -12.79 9.47 14.88
C LEU C 85 -13.13 10.94 14.69
N PRO C 86 -13.88 11.58 15.61
CA PRO C 86 -14.21 13.00 15.45
C PRO C 86 -12.89 13.78 15.59
N HIS C 87 -12.71 14.82 14.79
CA HIS C 87 -11.43 15.59 14.81
C HIS C 87 -11.16 16.08 16.24
N ALA C 88 -9.89 16.00 16.64
CA ALA C 88 -9.42 16.39 17.99
C ALA C 88 -7.91 16.25 18.08
N PRO C 89 -7.25 17.27 18.66
CA PRO C 89 -5.83 17.50 18.39
C PRO C 89 -4.93 16.34 18.83
N SER C 90 -5.22 15.71 19.95
CA SER C 90 -4.57 14.43 20.36
C SER C 90 -5.64 13.40 20.76
N SER C 91 -5.57 12.22 20.15
CA SER C 91 -6.48 11.07 20.38
C SER C 91 -5.63 9.84 20.69
N ASN C 92 -5.94 9.04 21.71
CA ASN C 92 -5.16 7.78 21.87
C ASN C 92 -5.91 6.64 21.20
N LEU C 93 -5.35 6.12 20.11
CA LEU C 93 -5.86 4.88 19.46
C LEU C 93 -5.62 3.68 20.36
N LEU C 94 -6.36 2.59 20.09
CA LEU C 94 -6.24 1.27 20.77
C LEU C 94 -6.10 0.15 19.73
N GLU C 95 -5.22 -0.81 20.03
CA GLU C 95 -4.98 -2.07 19.26
C GLU C 95 -6.26 -2.68 18.67
N GLY C 96 -6.12 -3.19 17.43
CA GLY C 96 -7.17 -3.94 16.73
C GLY C 96 -8.20 -3.02 16.09
N ARG C 97 -8.10 -1.72 16.36
CA ARG C 97 -9.02 -0.70 15.78
C ARG C 97 -8.46 -0.04 14.51
N GLY C 98 -9.37 0.40 13.64
CA GLY C 98 -9.08 1.20 12.45
C GLY C 98 -9.75 2.56 12.53
N TYR C 99 -9.00 3.60 12.27
CA TYR C 99 -9.49 4.96 12.56
C TYR C 99 -9.65 5.69 11.22
N LEU C 100 -10.83 6.30 11.03
CA LEU C 100 -11.16 7.17 9.87
C LEU C 100 -10.99 8.64 10.25
N ILE C 101 -10.01 9.29 9.64
CA ILE C 101 -9.49 10.59 10.15
C ILE C 101 -10.11 11.74 9.34
N ASN C 102 -10.78 12.66 10.05
CA ASN C 102 -11.39 13.84 9.38
C ASN C 102 -10.57 15.09 9.68
N ASN C 103 -9.43 15.20 8.99
CA ASN C 103 -8.53 16.38 9.09
C ASN C 103 -8.97 17.48 8.11
N THR C 104 -10.21 17.43 7.59
CA THR C 104 -10.83 18.58 6.87
C THR C 104 -10.66 19.85 7.68
N THR C 105 -11.00 19.75 8.96
CA THR C 105 -11.10 20.90 9.90
C THR C 105 -9.74 21.57 10.10
N GLY C 106 -8.63 20.83 9.95
CA GLY C 106 -7.30 21.20 10.48
C GLY C 106 -6.46 19.98 10.72
N THR C 107 -5.19 20.17 11.08
CA THR C 107 -4.27 19.05 11.44
C THR C 107 -4.76 18.41 12.74
N SER C 108 -4.29 17.19 13.00
CA SER C 108 -4.52 16.47 14.29
C SER C 108 -3.36 15.51 14.59
N THR C 109 -3.25 15.09 15.86
CA THR C 109 -2.24 14.11 16.33
C THR C 109 -2.97 12.89 16.88
N VAL C 110 -2.40 11.72 16.59
CA VAL C 110 -2.86 10.41 17.13
C VAL C 110 -1.69 9.73 17.82
N VAL C 111 -1.96 9.16 18.99
CA VAL C 111 -0.93 8.49 19.82
C VAL C 111 -1.24 6.99 19.81
N LEU C 112 -0.23 6.21 19.49
CA LEU C 112 -0.32 4.74 19.50
C LEU C 112 -0.51 4.28 20.93
N PRO C 113 -1.32 3.22 21.15
CA PRO C 113 -1.59 2.74 22.48
C PRO C 113 -0.33 1.96 22.86
N SER C 114 -0.04 1.84 24.18
CA SER C 114 1.15 1.10 24.68
C SER C 114 1.09 -0.30 24.12
N PRO C 115 2.19 -0.80 23.54
CA PRO C 115 2.20 -2.13 22.95
C PRO C 115 2.18 -3.22 24.02
N THR C 116 1.54 -4.34 23.72
CA THR C 116 1.45 -5.50 24.65
C THR C 116 2.18 -6.68 24.03
N ARG C 117 1.69 -7.16 22.92
CA ARG C 117 2.32 -8.31 22.24
C ARG C 117 2.82 -7.90 20.87
N ILE C 118 3.92 -8.56 20.48
CA ILE C 118 4.49 -8.53 19.11
C ILE C 118 3.31 -8.70 18.17
N GLY C 119 3.04 -7.73 17.32
CA GLY C 119 2.00 -7.86 16.31
C GLY C 119 0.76 -7.10 16.67
N ASP C 120 0.69 -6.52 17.86
CA ASP C 120 -0.42 -5.57 18.13
C ASP C 120 -0.48 -4.68 16.91
N SER C 121 -1.65 -4.08 16.61
CA SER C 121 -1.81 -3.24 15.41
C SER C 121 -2.88 -2.15 15.51
N VAL C 122 -2.57 -0.98 14.97
CA VAL C 122 -3.57 0.09 14.68
C VAL C 122 -3.56 0.49 13.19
N THR C 123 -4.71 0.96 12.70
CA THR C 123 -4.90 1.46 11.32
C THR C 123 -5.53 2.86 11.30
N ILE C 124 -4.88 3.74 10.56
CA ILE C 124 -5.37 5.12 10.29
C ILE C 124 -5.60 5.21 8.80
N CYS C 125 -6.60 5.97 8.38
CA CYS C 125 -6.91 6.22 6.95
C CYS C 125 -7.47 7.62 6.70
N ASP C 126 -6.97 8.26 5.67
CA ASP C 126 -7.36 9.65 5.37
C ASP C 126 -8.77 9.62 4.76
N ALA C 127 -9.75 9.50 5.63
CA ALA C 127 -11.18 9.42 5.24
C ALA C 127 -11.50 10.49 4.20
N TYR C 128 -11.08 11.74 4.41
CA TYR C 128 -11.61 12.90 3.62
C TYR C 128 -10.53 13.47 2.70
N GLY C 129 -9.35 12.81 2.67
CA GLY C 129 -8.25 13.12 1.73
C GLY C 129 -7.75 14.55 1.87
N LYS C 130 -7.17 14.89 3.01
CA LYS C 130 -6.89 16.27 3.44
C LYS C 130 -5.53 16.31 4.12
N PHE C 131 -4.78 15.22 4.07
CA PHE C 131 -3.50 15.07 4.81
C PHE C 131 -2.37 15.83 4.12
N ALA C 132 -2.59 16.24 2.89
CA ALA C 132 -1.59 17.03 2.15
C ALA C 132 -1.58 18.46 2.71
N THR C 133 -2.80 19.03 2.85
CA THR C 133 -3.04 20.40 3.37
C THR C 133 -2.88 20.31 4.90
N TYR C 134 -3.48 19.32 5.53
CA TYR C 134 -3.55 19.23 7.01
C TYR C 134 -3.06 17.86 7.48
N PRO C 135 -1.74 17.67 7.59
CA PRO C 135 -1.17 16.39 8.00
C PRO C 135 -1.60 15.81 9.36
N LEU C 136 -1.38 14.50 9.42
CA LEU C 136 -1.57 13.68 10.63
C LEU C 136 -0.20 13.34 11.20
N THR C 137 -0.18 13.22 12.53
CA THR C 137 1.02 12.97 13.34
C THR C 137 0.79 11.69 14.15
N VAL C 138 1.71 10.75 14.02
CA VAL C 138 1.58 9.43 14.70
C VAL C 138 2.66 9.43 15.77
N SER C 139 2.27 9.50 17.03
CA SER C 139 3.20 9.55 18.18
C SER C 139 3.20 8.19 18.86
N PRO C 140 4.37 7.53 18.97
CA PRO C 140 4.49 6.27 19.71
C PRO C 140 4.89 6.47 21.17
N SER C 141 4.64 7.66 21.68
CA SER C 141 5.01 8.01 23.06
C SER C 141 6.51 7.72 23.18
N GLY C 142 6.92 6.89 24.15
CA GLY C 142 8.32 6.48 24.31
C GLY C 142 8.57 5.19 23.58
N ASN C 143 7.54 4.60 23.00
CA ASN C 143 7.65 3.21 22.46
C ASN C 143 8.52 3.16 21.18
N ASN C 144 8.52 4.18 20.32
CA ASN C 144 9.38 4.26 19.09
C ASN C 144 8.92 3.43 17.88
N MSE C 145 9.00 4.01 16.66
CA MSE C 145 8.81 3.27 15.43
C MSE C 145 10.03 3.48 14.55
O MSE C 145 10.74 4.46 14.72
CB MSE C 145 7.53 3.65 14.66
CG MSE C 145 7.26 5.12 14.44
SE MSE C 145 5.37 5.39 14.01
CE MSE C 145 5.10 7.28 13.85
N TYR C 146 10.24 2.54 13.64
CA TYR C 146 11.38 2.57 12.72
C TYR C 146 12.61 3.12 13.46
N GLY C 147 12.91 2.59 14.65
CA GLY C 147 14.02 3.06 15.50
C GLY C 147 13.71 4.35 16.29
N SER C 148 13.96 5.50 15.69
CA SER C 148 13.54 6.83 16.23
C SER C 148 12.30 6.66 17.13
N THR C 149 12.45 7.09 18.38
CA THR C 149 11.36 7.29 19.37
C THR C 149 10.48 8.50 18.98
N GLU C 150 10.87 9.26 17.95
CA GLU C 150 10.26 10.57 17.62
C GLU C 150 8.92 10.34 16.92
N ASP C 151 8.08 11.38 16.82
CA ASP C 151 6.79 11.39 16.06
C ASP C 151 7.07 11.50 14.56
N MSE C 152 6.19 10.93 13.72
CA MSE C 152 6.24 11.19 12.27
C MSE C 152 4.88 11.69 11.78
O MSE C 152 3.82 11.31 12.30
CB MSE C 152 6.76 9.97 11.48
CG MSE C 152 5.90 9.51 10.31
SE MSE C 152 6.30 7.66 9.73
CE MSE C 152 8.23 7.82 10.04
N ALA C 153 4.91 12.55 10.76
CA ALA C 153 3.71 13.10 10.16
C ALA C 153 3.48 12.42 8.82
N ILE C 154 2.22 12.15 8.54
CA ILE C 154 1.80 11.54 7.26
C ILE C 154 1.23 12.72 6.44
N THR C 155 1.77 13.00 5.27
CA THR C 155 1.49 14.32 4.61
C THR C 155 0.73 14.18 3.28
N THR C 156 0.37 12.93 2.94
CA THR C 156 -0.10 12.47 1.61
C THR C 156 -1.59 12.22 1.68
N ASP C 157 -2.35 12.71 0.71
CA ASP C 157 -3.84 12.57 0.74
C ASP C 157 -4.29 11.11 0.54
N ASN C 158 -5.41 10.72 1.18
CA ASN C 158 -6.18 9.44 1.03
C ASN C 158 -5.25 8.27 1.37
N VAL C 159 -4.30 8.48 2.28
CA VAL C 159 -3.29 7.46 2.72
C VAL C 159 -3.86 6.65 3.87
N SER C 160 -3.69 5.32 3.81
CA SER C 160 -3.96 4.41 4.96
C SER C 160 -2.72 3.60 5.37
N ALA C 161 -2.58 3.42 6.67
CA ALA C 161 -1.43 2.75 7.27
C ALA C 161 -1.92 1.87 8.41
N THR C 162 -1.47 0.62 8.36
CA THR C 162 -1.59 -0.34 9.48
C THR C 162 -0.22 -0.37 10.15
N PHE C 163 -0.11 0.26 11.32
CA PHE C 163 1.12 0.20 12.17
C PHE C 163 1.09 -1.05 13.04
N THR C 164 2.22 -1.73 13.13
CA THR C 164 2.29 -3.06 13.76
C THR C 164 3.51 -3.15 14.69
N TRP C 165 3.30 -3.52 15.95
CA TRP C 165 4.41 -3.72 16.92
C TRP C 165 5.33 -4.85 16.44
N SER C 166 6.61 -4.55 16.22
CA SER C 166 7.64 -5.53 15.77
C SER C 166 8.36 -6.10 16.98
N GLY C 167 8.07 -5.56 18.16
CA GLY C 167 8.97 -5.69 19.32
C GLY C 167 9.62 -4.36 19.70
N PRO C 168 10.58 -4.35 20.63
CA PRO C 168 11.13 -3.11 21.16
C PRO C 168 12.23 -2.46 20.32
N GLU C 169 13.13 -3.27 19.77
CA GLU C 169 14.34 -2.81 19.03
C GLU C 169 13.88 -1.84 17.93
N GLN C 170 13.02 -2.33 17.04
CA GLN C 170 12.61 -1.60 15.83
C GLN C 170 11.29 -0.89 16.12
N GLY C 171 10.45 -1.49 16.95
CA GLY C 171 9.22 -0.80 17.37
C GLY C 171 8.13 -0.94 16.34
N TRP C 172 7.17 -0.02 16.33
CA TRP C 172 6.07 -0.07 15.34
C TRP C 172 6.60 -0.01 13.90
N VAL C 173 5.94 -0.71 12.99
CA VAL C 173 6.25 -0.63 11.53
C VAL C 173 4.94 -0.68 10.74
N ILE C 174 4.93 0.01 9.59
CA ILE C 174 3.78 -0.15 8.67
C ILE C 174 3.95 -1.48 7.96
N THR C 175 2.95 -2.34 8.06
CA THR C 175 2.93 -3.71 7.48
C THR C 175 2.01 -3.73 6.26
N SER C 176 1.27 -2.67 6.08
CA SER C 176 0.12 -2.63 5.15
C SER C 176 -0.42 -1.23 5.12
N GLY C 177 -0.74 -0.78 3.90
CA GLY C 177 -1.16 0.61 3.70
C GLY C 177 -1.47 0.85 2.26
N VAL C 178 -1.87 2.09 1.93
CA VAL C 178 -2.05 2.55 0.53
C VAL C 178 -1.47 3.95 0.38
N GLY C 179 -0.76 4.21 -0.73
CA GLY C 179 -0.37 5.57 -1.13
C GLY C 179 0.57 6.18 -0.13
N LEU C 180 1.67 5.49 0.15
CA LEU C 180 2.69 6.01 1.10
C LEU C 180 3.80 6.72 0.31
N GLY C 181 4.34 7.80 0.90
CA GLY C 181 5.50 8.52 0.35
C GLY C 181 6.54 8.76 1.43
N GLN C 182 7.17 9.94 1.38
CA GLN C 182 8.17 10.39 2.37
C GLN C 182 7.40 10.73 3.66
N GLY C 183 7.33 9.78 4.59
CA GLY C 183 6.95 10.08 5.98
C GLY C 183 7.83 11.18 6.54
N ARG C 184 7.27 12.14 7.27
CA ARG C 184 8.06 13.32 7.75
C ARG C 184 8.18 13.33 9.27
N VAL C 185 9.44 13.28 9.75
CA VAL C 185 9.84 13.37 11.19
C VAL C 185 10.28 14.80 11.53
N TYR C 186 9.36 15.67 11.95
CA TYR C 186 9.62 17.12 12.03
C TYR C 186 10.80 17.27 12.99
N SER C 187 11.72 18.16 12.67
CA SER C 187 13.10 18.26 13.28
C SER C 187 13.15 19.38 14.34
N ARG C 188 12.47 20.51 14.11
CA ARG C 188 12.64 21.77 14.90
C ARG C 188 12.09 22.94 14.10
N GLU C 189 11.25 23.75 14.72
CA GLU C 189 10.65 24.94 14.06
C GLU C 189 11.75 25.97 13.80
N ILE C 190 12.27 26.08 12.57
CA ILE C 190 13.34 27.09 12.32
C ILE C 190 12.74 28.49 12.42
N PHE C 191 11.47 28.67 12.05
CA PHE C 191 10.86 30.02 12.08
C PHE C 191 9.37 29.95 12.36
N THR C 192 8.91 30.63 13.40
CA THR C 192 7.46 30.76 13.71
C THR C 192 7.11 32.22 13.91
N GLN C 193 6.15 32.75 13.19
CA GLN C 193 5.80 34.18 13.39
C GLN C 193 4.46 34.53 12.79
N ILE C 194 3.86 35.57 13.34
CA ILE C 194 2.57 36.07 12.80
C ILE C 194 2.97 37.26 11.96
N LEU C 195 2.36 37.52 10.80
CA LEU C 195 2.91 38.59 9.92
C LEU C 195 2.17 39.94 10.03
N ALA C 196 2.88 41.00 10.39
CA ALA C 196 2.36 42.39 10.47
C ALA C 196 1.80 42.88 9.14
N SER C 197 2.59 42.78 8.08
CA SER C 197 2.34 43.41 6.75
C SER C 197 2.38 42.34 5.66
N GLU C 198 1.67 42.60 4.56
CA GLU C 198 1.56 41.65 3.40
C GLU C 198 2.96 41.21 2.94
N THR C 199 3.68 40.41 3.72
CA THR C 199 5.08 40.04 3.38
C THR C 199 5.09 39.04 2.20
N SER C 200 6.22 39.02 1.50
CA SER C 200 6.59 38.14 0.36
C SER C 200 8.10 38.00 0.43
N ALA C 201 8.58 36.81 0.75
CA ALA C 201 9.95 36.49 1.24
C ALA C 201 10.32 37.07 2.64
N VAL C 202 11.00 36.24 3.44
CA VAL C 202 11.50 36.51 4.83
C VAL C 202 12.83 35.78 5.05
N THR C 203 13.72 36.34 5.87
CA THR C 203 15.07 35.76 6.16
C THR C 203 15.02 34.76 7.31
N LEU C 204 15.80 33.69 7.21
CA LEU C 204 15.75 32.58 8.20
C LEU C 204 17.02 32.60 9.04
N ASN C 205 16.93 32.21 10.31
CA ASN C 205 18.09 32.28 11.24
C ASN C 205 19.18 31.33 10.75
N THR C 206 18.83 30.35 9.93
CA THR C 206 19.77 29.34 9.41
C THR C 206 19.37 28.94 8.00
N PRO C 207 20.26 28.27 7.24
CA PRO C 207 19.95 27.88 5.87
C PRO C 207 19.15 26.58 5.95
N PRO C 208 17.87 26.59 5.53
CA PRO C 208 17.05 25.39 5.58
C PRO C 208 17.56 24.37 4.55
N THR C 209 17.52 23.08 4.90
CA THR C 209 17.99 21.98 4.00
C THR C 209 16.77 21.44 3.26
N ILE C 210 15.79 21.03 4.07
CA ILE C 210 14.51 20.37 3.67
C ILE C 210 13.45 20.78 4.67
N VAL C 211 12.48 21.59 4.26
CA VAL C 211 11.48 22.10 5.23
C VAL C 211 10.10 21.87 4.66
N ASP C 212 9.11 22.06 5.51
CA ASP C 212 7.71 22.31 5.13
C ASP C 212 7.34 23.67 5.69
N VAL C 213 6.33 24.29 5.10
CA VAL C 213 5.91 25.67 5.46
C VAL C 213 4.42 25.60 5.79
N TYR C 214 3.99 26.07 6.95
CA TYR C 214 2.54 26.16 7.25
C TYR C 214 2.14 27.64 7.17
N ALA C 215 1.19 27.95 6.29
CA ALA C 215 0.52 29.27 6.24
C ALA C 215 -0.45 29.26 7.41
N ASP C 216 -1.73 29.55 7.18
CA ASP C 216 -2.68 29.72 8.30
C ASP C 216 -2.99 28.32 8.83
N GLY C 217 -1.97 27.64 9.32
CA GLY C 217 -2.07 26.25 9.82
C GLY C 217 -2.10 25.23 8.71
N LYS C 218 -2.53 25.64 7.50
CA LYS C 218 -2.52 24.76 6.30
C LYS C 218 -1.08 24.66 5.81
N ARG C 219 -0.72 23.59 5.12
CA ARG C 219 0.68 23.38 4.66
C ARG C 219 0.70 23.71 3.14
N LEU C 220 1.59 24.64 2.75
CA LEU C 220 1.77 25.09 1.35
C LEU C 220 2.38 23.99 0.47
N ALA C 221 2.01 24.01 -0.80
CA ALA C 221 2.59 23.09 -1.80
C ALA C 221 4.02 23.51 -2.09
N GLU C 222 4.90 22.54 -2.32
CA GLU C 222 6.34 22.76 -2.62
C GLU C 222 6.42 23.80 -3.75
N SER C 223 5.29 24.05 -4.46
CA SER C 223 5.16 25.04 -5.56
C SER C 223 5.06 26.49 -5.06
N LYS C 224 4.65 26.72 -3.82
CA LYS C 224 4.10 28.05 -3.43
C LYS C 224 5.21 28.93 -2.86
N TYR C 225 6.46 28.47 -2.85
CA TYR C 225 7.56 29.28 -2.26
C TYR C 225 8.91 28.85 -2.81
N SER C 226 9.62 29.81 -3.43
CA SER C 226 11.02 29.64 -3.86
C SER C 226 11.84 29.47 -2.58
N LEU C 227 12.90 28.69 -2.66
CA LEU C 227 13.82 28.60 -1.50
C LEU C 227 15.23 28.99 -1.96
N ASP C 228 15.98 29.70 -1.14
CA ASP C 228 17.35 30.12 -1.55
C ASP C 228 18.19 30.43 -0.32
N GLY C 229 19.29 29.70 -0.15
CA GLY C 229 20.21 29.94 0.98
C GLY C 229 19.43 29.96 2.29
N ASN C 230 19.15 31.15 2.83
CA ASN C 230 18.40 31.28 4.12
C ASN C 230 17.28 32.32 3.94
N VAL C 231 16.80 32.51 2.72
CA VAL C 231 15.58 33.32 2.44
C VAL C 231 14.52 32.46 1.76
N ILE C 232 13.34 32.41 2.36
CA ILE C 232 12.13 31.84 1.72
C ILE C 232 11.38 32.97 1.03
N THR C 233 11.16 32.83 -0.27
CA THR C 233 10.34 33.75 -1.11
C THR C 233 9.00 33.12 -1.41
N PHE C 234 7.91 33.86 -1.31
CA PHE C 234 6.55 33.26 -1.37
C PHE C 234 5.82 33.66 -2.64
N SER C 235 5.53 32.65 -3.44
CA SER C 235 4.70 32.73 -4.66
C SER C 235 3.42 31.94 -4.44
N PRO C 236 2.23 32.58 -4.40
CA PRO C 236 2.12 34.03 -4.41
C PRO C 236 2.34 34.70 -3.04
N SER C 237 2.08 36.00 -2.99
CA SER C 237 2.25 36.88 -1.82
C SER C 237 1.44 36.33 -0.65
N LEU C 238 1.98 36.48 0.55
CA LEU C 238 1.24 36.05 1.77
C LEU C 238 0.50 37.25 2.35
N PRO C 239 -0.77 37.09 2.76
CA PRO C 239 -1.56 38.18 3.29
C PRO C 239 -1.01 38.68 4.62
N ALA C 240 -1.43 39.86 5.05
CA ALA C 240 -1.00 40.47 6.32
C ALA C 240 -1.54 39.64 7.46
N SER C 241 -0.73 39.47 8.51
CA SER C 241 -1.04 38.72 9.76
C SER C 241 -1.38 37.24 9.46
N THR C 242 -0.59 36.61 8.60
CA THR C 242 -0.76 35.21 8.21
C THR C 242 0.10 34.46 9.22
N GLU C 243 -0.52 33.73 10.14
CA GLU C 243 0.31 32.95 11.10
C GLU C 243 1.13 32.03 10.21
N LEU C 244 2.44 32.08 10.29
CA LEU C 244 3.24 31.22 9.38
C LEU C 244 4.42 30.62 10.11
N GLN C 245 4.65 29.33 9.90
CA GLN C 245 5.74 28.54 10.54
C GLN C 245 6.55 27.85 9.46
N VAL C 246 7.84 27.76 9.64
CA VAL C 246 8.69 26.99 8.69
C VAL C 246 9.32 25.88 9.54
N ILE C 247 9.23 24.64 9.07
CA ILE C 247 9.75 23.51 9.90
C ILE C 247 10.67 22.62 9.08
N GLU C 248 11.88 22.42 9.61
CA GLU C 248 12.90 21.52 9.00
C GLU C 248 12.48 20.12 9.39
N TYR C 249 12.49 19.14 8.49
CA TYR C 249 12.10 17.75 8.87
C TYR C 249 12.99 16.74 8.18
N THR C 250 13.27 15.63 8.87
CA THR C 250 13.96 14.47 8.25
C THR C 250 12.92 13.65 7.51
N PRO C 251 13.24 13.06 6.35
CA PRO C 251 12.25 12.31 5.59
C PRO C 251 12.46 10.80 5.68
N ILE C 252 11.41 10.07 6.02
CA ILE C 252 11.47 8.59 6.09
C ILE C 252 10.69 8.05 4.89
N GLN C 253 11.31 7.23 4.05
CA GLN C 253 10.65 6.79 2.79
C GLN C 253 9.99 5.45 3.08
N LEU C 254 8.68 5.30 2.81
CA LEU C 254 7.93 4.04 3.02
C LEU C 254 7.23 3.66 1.70
N GLY C 255 7.39 4.47 0.65
CA GLY C 255 6.78 4.24 -0.68
C GLY C 255 7.87 3.83 -1.66
N ASN C 256 7.60 3.83 -2.96
CA ASN C 256 8.65 3.44 -3.95
C ASN C 256 8.70 4.38 -5.16
N GLY C 257 9.23 5.60 -4.95
CA GLY C 257 9.54 6.58 -6.00
C GLY C 257 8.36 6.96 -6.88
N ILE C 265 15.16 8.91 -15.46
CA ILE C 265 16.64 8.89 -15.59
C ILE C 265 17.01 9.20 -17.04
N THR C 266 18.31 9.15 -17.38
CA THR C 266 18.84 9.48 -18.73
C THR C 266 19.62 8.30 -19.30
N TRP C 267 19.76 8.23 -20.63
CA TRP C 267 20.49 7.16 -21.35
C TRP C 267 21.78 7.72 -21.99
N VAL C 268 22.90 7.06 -21.75
CA VAL C 268 24.23 7.46 -22.31
C VAL C 268 24.39 6.77 -23.67
N TYR C 269 24.69 7.53 -24.73
CA TYR C 269 24.85 6.94 -26.08
C TYR C 269 26.31 6.56 -26.35
N ASN C 270 26.52 5.26 -26.58
CA ASN C 270 27.85 4.67 -26.90
C ASN C 270 28.90 5.21 -25.93
N GLY C 271 28.63 5.12 -24.63
CA GLY C 271 29.56 5.52 -23.54
C GLY C 271 30.09 6.95 -23.67
N GLY C 272 29.31 7.89 -24.21
CA GLY C 272 29.66 9.33 -24.26
C GLY C 272 30.61 9.73 -25.40
N SER C 273 31.06 8.77 -26.19
CA SER C 273 31.92 9.02 -27.38
C SER C 273 31.15 8.64 -28.66
N ALA C 274 31.17 9.51 -29.67
CA ALA C 274 30.44 9.34 -30.94
C ALA C 274 31.36 8.62 -31.94
N ILE C 275 31.07 8.77 -33.24
CA ILE C 275 31.84 8.12 -34.34
C ILE C 275 32.20 9.14 -35.42
N GLY C 276 31.38 10.18 -35.54
CA GLY C 276 31.57 11.29 -36.49
C GLY C 276 31.04 10.96 -37.88
N GLY C 277 30.17 11.83 -38.42
CA GLY C 277 29.51 11.65 -39.72
C GLY C 277 28.26 10.79 -39.59
N GLU C 278 27.77 10.66 -38.36
CA GLU C 278 26.56 9.88 -38.04
C GLU C 278 25.43 10.83 -37.64
N THR C 279 24.19 10.34 -37.70
CA THR C 279 22.97 11.10 -37.34
C THR C 279 21.81 10.14 -37.04
N GLU C 280 22.01 8.82 -37.08
CA GLU C 280 20.95 7.84 -36.76
C GLU C 280 21.31 7.22 -35.42
N ILE C 281 20.51 7.52 -34.41
CA ILE C 281 20.75 7.11 -33.01
C ILE C 281 19.86 5.90 -32.72
N THR C 282 20.23 4.71 -33.20
CA THR C 282 19.47 3.49 -32.88
C THR C 282 19.69 3.12 -31.40
N LEU C 283 18.61 3.18 -30.60
CA LEU C 283 18.64 2.96 -29.13
C LEU C 283 18.11 1.55 -28.82
N ASP C 284 18.82 0.79 -27.98
CA ASP C 284 18.42 -0.61 -27.64
C ASP C 284 17.20 -0.56 -26.72
N ILE C 285 17.34 0.05 -25.54
CA ILE C 285 16.25 0.12 -24.51
C ILE C 285 15.00 0.70 -25.18
N VAL C 286 13.99 -0.13 -25.45
CA VAL C 286 12.71 0.28 -26.11
C VAL C 286 11.82 0.88 -25.01
N VAL C 287 11.47 2.16 -25.14
CA VAL C 287 10.64 2.88 -24.14
C VAL C 287 9.45 3.51 -24.86
N ASP C 288 8.99 4.65 -24.37
CA ASP C 288 7.85 5.38 -24.98
C ASP C 288 8.30 6.79 -25.35
N ASP C 289 7.47 7.78 -24.97
CA ASP C 289 7.64 9.21 -25.30
C ASP C 289 9.05 9.62 -24.89
N VAL C 290 9.75 10.35 -25.76
CA VAL C 290 11.15 10.82 -25.50
C VAL C 290 11.40 12.09 -26.30
N PRO C 291 11.11 13.29 -25.76
CA PRO C 291 11.31 14.54 -26.49
C PRO C 291 12.51 15.37 -26.03
N ALA C 292 13.63 14.73 -25.71
CA ALA C 292 14.84 15.43 -25.22
C ALA C 292 16.08 14.56 -25.42
N ILE C 293 17.24 15.23 -25.54
CA ILE C 293 18.59 14.63 -25.66
C ILE C 293 19.63 15.73 -25.49
N ASP C 294 20.75 15.42 -24.84
CA ASP C 294 21.85 16.40 -24.58
C ASP C 294 23.01 16.13 -25.55
N ILE C 295 23.91 17.10 -25.67
CA ILE C 295 25.08 17.03 -26.60
C ILE C 295 26.27 17.80 -26.00
N ASN C 296 27.18 17.11 -25.32
CA ASN C 296 28.39 17.73 -24.69
C ASN C 296 27.92 18.91 -23.84
N GLY C 297 26.97 18.65 -22.94
CA GLY C 297 26.43 19.69 -22.02
C GLY C 297 25.06 20.19 -22.44
N SER C 298 25.01 21.07 -23.45
CA SER C 298 23.75 21.65 -23.98
C SER C 298 22.83 20.53 -24.45
N ARG C 299 21.53 20.61 -24.15
CA ARG C 299 20.52 19.61 -24.55
C ARG C 299 19.60 20.21 -25.60
N GLN C 300 18.71 19.39 -26.16
CA GLN C 300 17.73 19.80 -27.21
C GLN C 300 16.40 19.06 -26.99
N TYR C 301 15.36 19.52 -27.69
CA TYR C 301 13.98 18.95 -27.63
C TYR C 301 13.63 18.31 -28.98
N LYS C 302 12.95 17.15 -28.93
CA LYS C 302 12.59 16.33 -30.13
C LYS C 302 11.53 17.04 -30.97
N ASN C 303 11.43 16.70 -32.27
CA ASN C 303 10.48 17.31 -33.24
C ASN C 303 10.64 18.83 -33.20
N LEU C 304 11.90 19.28 -33.32
CA LEU C 304 12.33 20.70 -33.32
C LEU C 304 13.79 20.76 -33.76
N GLY C 305 14.52 19.67 -33.51
CA GLY C 305 15.94 19.50 -33.87
C GLY C 305 16.37 18.05 -33.68
N PHE C 306 15.40 17.14 -33.67
CA PHE C 306 15.62 15.68 -33.41
C PHE C 306 14.32 14.94 -33.73
N THR C 307 14.34 14.10 -34.77
CA THR C 307 13.15 13.31 -35.19
C THR C 307 13.24 11.95 -34.50
N PHE C 308 12.09 11.42 -34.06
CA PHE C 308 12.04 10.09 -33.39
C PHE C 308 10.62 9.54 -33.35
N ASP C 309 10.48 8.28 -33.79
CA ASP C 309 9.22 7.49 -33.77
C ASP C 309 9.48 6.21 -33.01
N PRO C 310 8.72 5.94 -31.91
CA PRO C 310 8.86 4.69 -31.17
C PRO C 310 8.83 3.43 -32.05
N LEU C 311 7.89 3.37 -33.00
CA LEU C 311 7.76 2.23 -33.96
C LEU C 311 9.13 1.92 -34.58
N THR C 312 9.82 2.91 -35.15
CA THR C 312 11.16 2.75 -35.81
C THR C 312 12.18 2.35 -34.74
N SER C 313 12.04 2.91 -33.52
CA SER C 313 12.88 2.66 -32.31
C SER C 313 14.15 3.53 -32.29
N LYS C 314 14.74 3.79 -33.47
CA LYS C 314 15.99 4.57 -33.62
C LYS C 314 15.66 6.07 -33.47
N ILE C 315 16.69 6.92 -33.25
CA ILE C 315 16.53 8.40 -33.15
C ILE C 315 17.20 9.05 -34.38
N THR C 316 16.69 10.20 -34.80
CA THR C 316 17.20 10.95 -35.98
C THR C 316 17.83 12.27 -35.52
N LEU C 317 19.09 12.52 -35.91
CA LEU C 317 19.88 13.72 -35.54
C LEU C 317 19.80 14.72 -36.70
N ALA C 318 20.56 15.82 -36.64
CA ALA C 318 20.53 16.90 -37.66
C ALA C 318 21.93 17.12 -38.22
N GLN C 319 22.75 17.98 -37.59
CA GLN C 319 24.13 18.26 -38.06
C GLN C 319 24.99 17.00 -37.87
N GLU C 320 25.86 16.71 -38.84
CA GLU C 320 26.72 15.49 -38.81
C GLU C 320 27.36 15.43 -37.42
N LEU C 321 26.88 14.55 -36.55
CA LEU C 321 27.33 14.41 -35.14
C LEU C 321 28.86 14.42 -35.09
N ASP C 322 29.45 15.35 -34.33
CA ASP C 322 30.92 15.51 -34.15
C ASP C 322 31.46 14.24 -33.48
N ALA C 323 32.70 13.86 -33.82
CA ALA C 323 33.34 12.63 -33.26
C ALA C 323 33.53 12.81 -31.75
N GLU C 324 33.50 11.71 -30.99
CA GLU C 324 33.65 11.64 -29.50
C GLU C 324 32.81 12.77 -28.86
N ASP C 325 31.52 12.82 -29.16
CA ASP C 325 30.59 13.84 -28.61
C ASP C 325 29.77 13.24 -27.46
N GLU C 326 29.81 13.89 -26.30
CA GLU C 326 29.01 13.49 -25.12
C GLU C 326 27.54 13.48 -25.52
N VAL C 327 26.98 12.30 -25.80
CA VAL C 327 25.56 12.21 -26.29
C VAL C 327 24.72 11.50 -25.24
N VAL C 328 23.79 12.23 -24.63
CA VAL C 328 22.88 11.67 -23.58
C VAL C 328 21.44 11.70 -24.10
N VAL C 329 20.73 10.57 -23.99
CA VAL C 329 19.32 10.45 -24.50
C VAL C 329 18.40 10.26 -23.29
N ILE C 330 17.34 11.08 -23.18
CA ILE C 330 16.37 10.99 -22.04
C ILE C 330 15.24 10.02 -22.43
N ILE C 331 14.25 9.90 -21.55
CA ILE C 331 13.04 9.06 -21.77
C ILE C 331 11.95 9.44 -20.75
#